data_7L26
#
_entry.id   7L26
#
_cell.length_a   58.138
_cell.length_b   58.168
_cell.length_c   98.955
_cell.angle_alpha   89.840
_cell.angle_beta   90.130
_cell.angle_gamma   97.600
#
_symmetry.space_group_name_H-M   'P 1'
#
loop_
_entity.id
_entity.type
_entity.pdbx_description
1 polymer 'Mitogen-activated protein kinase kinase kinase kinase 1'
2 non-polymer 6-(2-fluoro-6-methylphenyl)-1-[4-(4-methylpiperazin-1-yl)phenyl]-1H-indazole-5-carbonitrile
3 water water
#
_entity_poly.entity_id   1
_entity_poly.type   'polypeptide(L)'
_entity_poly.pdbx_seq_one_letter_code
;IFNRDPRDHYDLLQRLGGGTYGEVFKARDKVSGDLVALKMVKMEPDDDVSTLQKEILILKTCRHANIVAYHGSYLWLQKL
WICMEFCGAGSLQDIYQVTGSLSELQISYVCREVLQGLAYLHSQKKIHRDIKGANILINDAGEVRLADFGISAQIGATLA
RRLAFIGTPYWMAPEVAAVALKGCYNELCDIWSLGITAIELAELQPPLFDVHPLRVLFLMTKSGYQPPRLKEKGKWSAAF
HNFIKVTLTKSPKKRPSATKMLSHQLVSQPGLNRGLILDLLDKLKNP
;
_entity_poly.pdbx_strand_id   A,B,C,D
#
loop_
_chem_comp.id
_chem_comp.type
_chem_comp.name
_chem_comp.formula
XHM non-polymer 6-(2-fluoro-6-methylphenyl)-1-[4-(4-methylpiperazin-1-yl)phenyl]-1H-indazole-5-carbonitrile 'C26 H24 F N5'
#
# COMPACT_ATOMS: atom_id res chain seq x y z
N ILE A 1 -31.34 2.45 -6.89
CA ILE A 1 -30.98 3.90 -7.08
C ILE A 1 -32.07 4.86 -6.53
N PHE A 2 -31.67 5.73 -5.60
CA PHE A 2 -32.58 6.70 -4.95
C PHE A 2 -32.66 8.01 -5.70
N ASN A 3 -33.67 8.81 -5.35
CA ASN A 3 -34.28 9.79 -6.25
C ASN A 3 -34.64 11.10 -5.54
N ARG A 4 -33.66 11.64 -4.83
CA ARG A 4 -33.83 12.85 -3.97
C ARG A 4 -32.47 13.55 -3.84
N ASP A 5 -32.47 14.77 -3.30
CA ASP A 5 -31.25 15.54 -2.99
C ASP A 5 -30.42 14.81 -1.91
N PRO A 6 -29.18 14.37 -2.23
CA PRO A 6 -28.32 13.73 -1.19
C PRO A 6 -27.87 14.63 -0.04
N ARG A 7 -27.93 15.96 -0.21
CA ARG A 7 -27.80 16.94 0.87
C ARG A 7 -28.78 16.74 2.05
N ASP A 8 -29.95 16.16 1.77
CA ASP A 8 -30.90 15.67 2.82
C ASP A 8 -30.24 14.69 3.80
N HIS A 9 -29.49 13.74 3.26
CA HIS A 9 -28.81 12.71 4.04
C HIS A 9 -27.28 12.94 4.33
N TYR A 10 -26.64 13.94 3.67
CA TYR A 10 -25.16 14.19 3.77
C TYR A 10 -24.76 15.68 3.79
N ASP A 11 -23.64 15.99 4.42
CA ASP A 11 -23.07 17.34 4.47
C ASP A 11 -21.79 17.37 3.64
N LEU A 12 -21.78 18.17 2.55
CA LEU A 12 -20.57 18.45 1.76
C LEU A 12 -19.50 19.15 2.61
N LEU A 13 -18.23 18.82 2.34
CA LEU A 13 -17.09 19.35 3.08
C LEU A 13 -15.99 19.96 2.18
N GLN A 14 -15.54 19.22 1.15
CA GLN A 14 -14.57 19.77 0.16
C GLN A 14 -14.51 18.99 -1.17
N ARG A 15 -14.28 19.73 -2.27
CA ARG A 15 -13.91 19.14 -3.58
C ARG A 15 -12.52 18.52 -3.50
N LEU A 16 -12.30 17.45 -4.28
CA LEU A 16 -11.03 16.70 -4.30
C LEU A 16 -10.24 16.84 -5.59
N GLY A 17 -10.91 16.55 -6.71
CA GLY A 17 -10.32 16.58 -8.06
C GLY A 17 -11.36 16.20 -9.10
N GLY A 18 -11.10 15.14 -9.86
CA GLY A 18 -11.99 14.68 -10.96
C GLY A 18 -12.17 13.18 -11.08
N GLU A 23 -15.66 16.13 -10.27
CA GLU A 23 -16.13 16.64 -8.98
C GLU A 23 -16.55 15.53 -8.02
N VAL A 24 -15.53 15.02 -7.31
CA VAL A 24 -15.67 14.10 -6.18
C VAL A 24 -15.58 14.93 -4.90
N PHE A 25 -16.39 14.56 -3.91
CA PHE A 25 -16.57 15.38 -2.71
C PHE A 25 -16.25 14.60 -1.45
N LYS A 26 -15.53 15.24 -0.53
CA LYS A 26 -15.47 14.81 0.87
C LYS A 26 -16.81 15.20 1.51
N ALA A 27 -17.42 14.25 2.21
CA ALA A 27 -18.70 14.49 2.91
C ALA A 27 -18.90 13.62 4.14
N ARG A 28 -19.79 14.06 5.04
CA ARG A 28 -20.19 13.27 6.24
C ARG A 28 -21.70 12.99 6.28
N ASP A 29 -22.06 11.80 6.76
CA ASP A 29 -23.46 11.41 7.00
C ASP A 29 -23.97 12.27 8.17
N LYS A 30 -25.08 12.97 7.95
CA LYS A 30 -25.71 13.81 8.99
C LYS A 30 -26.24 13.01 10.21
N VAL A 31 -26.70 11.77 9.97
CA VAL A 31 -27.25 10.88 10.99
C VAL A 31 -26.18 9.95 11.59
N SER A 32 -25.54 9.16 10.73
CA SER A 32 -24.57 8.12 11.13
C SER A 32 -23.21 8.63 11.63
N GLY A 33 -22.82 9.84 11.24
CA GLY A 33 -21.46 10.38 11.51
C GLY A 33 -20.31 9.87 10.64
N ASP A 34 -20.58 8.95 9.71
CA ASP A 34 -19.56 8.32 8.90
C ASP A 34 -19.21 9.23 7.74
N LEU A 35 -17.90 9.34 7.50
CA LEU A 35 -17.39 10.07 6.34
C LEU A 35 -17.64 9.25 5.08
N VAL A 36 -18.03 9.95 4.01
CA VAL A 36 -18.27 9.34 2.72
C VAL A 36 -17.62 10.15 1.61
N ALA A 37 -17.45 9.48 0.48
CA ALA A 37 -17.11 10.08 -0.79
C ALA A 37 -18.35 10.11 -1.67
N LEU A 38 -18.67 11.30 -2.21
CA LEU A 38 -19.75 11.49 -3.18
C LEU A 38 -19.16 11.82 -4.56
N LYS A 39 -19.19 10.85 -5.47
CA LYS A 39 -18.82 11.05 -6.90
C LYS A 39 -20.07 11.59 -7.61
N MET A 40 -20.01 12.85 -8.08
CA MET A 40 -21.09 13.54 -8.80
C MET A 40 -20.83 13.51 -10.31
N VAL A 41 -21.91 13.38 -11.10
CA VAL A 41 -21.86 13.32 -12.58
C VAL A 41 -23.00 14.18 -13.16
N LYS A 42 -22.66 15.16 -13.99
CA LYS A 42 -23.66 15.98 -14.70
C LYS A 42 -24.36 15.13 -15.76
N MET A 43 -25.64 15.42 -16.02
CA MET A 43 -26.44 14.68 -17.02
C MET A 43 -27.38 15.62 -17.77
N GLU A 44 -26.92 16.11 -18.92
CA GLU A 44 -27.61 17.17 -19.67
C GLU A 44 -28.72 16.64 -20.61
N PRO A 45 -28.38 16.23 -21.87
CA PRO A 45 -29.44 16.10 -22.88
C PRO A 45 -30.25 14.78 -22.83
N ASP A 46 -29.64 13.65 -23.25
CA ASP A 46 -30.32 12.36 -23.37
C ASP A 46 -29.48 11.23 -22.74
N ASP A 47 -29.05 11.46 -21.51
CA ASP A 47 -28.54 10.40 -20.63
C ASP A 47 -29.71 9.62 -20.04
N ASP A 48 -29.55 8.31 -19.86
CA ASP A 48 -30.54 7.48 -19.18
C ASP A 48 -29.84 6.76 -18.04
N VAL A 49 -30.24 7.07 -16.81
CA VAL A 49 -29.75 6.36 -15.62
C VAL A 49 -30.19 4.89 -15.61
N SER A 50 -31.38 4.59 -16.11
CA SER A 50 -31.91 3.21 -16.15
C SER A 50 -31.08 2.18 -16.97
N THR A 51 -30.19 2.65 -17.84
CA THR A 51 -29.20 1.81 -18.53
C THR A 51 -27.96 1.46 -17.70
N LEU A 52 -27.74 2.16 -16.57
CA LEU A 52 -26.67 1.85 -15.58
C LEU A 52 -27.12 0.88 -14.44
N GLN A 53 -28.31 0.28 -14.56
CA GLN A 53 -28.91 -0.54 -13.49
C GLN A 53 -28.25 -1.92 -13.34
N LYS A 54 -27.88 -2.55 -14.45
CA LYS A 54 -27.10 -3.81 -14.41
C LYS A 54 -25.68 -3.61 -13.84
N GLU A 55 -25.07 -2.45 -14.07
CA GLU A 55 -23.72 -2.09 -13.54
C GLU A 55 -23.71 -1.58 -12.08
N ILE A 56 -24.80 -0.94 -11.64
CA ILE A 56 -25.01 -0.57 -10.22
C ILE A 56 -25.30 -1.82 -9.35
N LEU A 57 -26.11 -2.75 -9.86
CA LEU A 57 -26.41 -4.04 -9.17
C LEU A 57 -25.20 -4.98 -9.04
N ILE A 58 -24.27 -4.90 -9.99
CA ILE A 58 -22.92 -5.48 -9.89
C ILE A 58 -22.13 -4.83 -8.75
N LEU A 59 -22.12 -3.50 -8.70
CA LEU A 59 -21.42 -2.72 -7.67
C LEU A 59 -22.00 -2.82 -6.25
N LYS A 60 -23.33 -2.95 -6.16
CA LYS A 60 -24.04 -3.12 -4.88
C LYS A 60 -23.78 -4.48 -4.22
N THR A 61 -23.91 -5.56 -4.98
CA THR A 61 -23.66 -6.93 -4.48
C THR A 61 -22.18 -7.24 -4.16
N CYS A 62 -21.25 -6.42 -4.64
CA CYS A 62 -19.85 -6.43 -4.17
C CYS A 62 -19.71 -6.03 -2.70
N ARG A 63 -19.49 -7.04 -1.86
CA ARG A 63 -19.34 -6.91 -0.41
C ARG A 63 -18.04 -7.62 0.02
N HIS A 64 -16.94 -6.88 0.02
CA HIS A 64 -15.58 -7.41 0.30
C HIS A 64 -14.72 -6.29 0.90
N ALA A 65 -13.81 -6.67 1.78
CA ALA A 65 -12.93 -5.71 2.48
C ALA A 65 -12.03 -4.92 1.50
N ASN A 66 -11.57 -5.57 0.43
CA ASN A 66 -10.71 -4.93 -0.59
C ASN A 66 -11.44 -4.27 -1.79
N ILE A 67 -12.76 -4.07 -1.67
CA ILE A 67 -13.57 -3.33 -2.64
C ILE A 67 -14.12 -2.11 -1.90
N VAL A 68 -14.06 -0.92 -2.53
CA VAL A 68 -14.72 0.29 -1.99
C VAL A 68 -16.19 -0.07 -1.86
N ALA A 69 -16.74 0.11 -0.66
CA ALA A 69 -18.15 -0.13 -0.41
C ALA A 69 -19.00 0.87 -1.19
N TYR A 70 -20.02 0.33 -1.87
CA TYR A 70 -21.07 1.12 -2.52
C TYR A 70 -22.19 1.22 -1.49
N HIS A 71 -22.70 2.44 -1.35
CA HIS A 71 -23.80 2.73 -0.41
C HIS A 71 -25.13 3.16 -1.03
N GLY A 72 -25.18 3.42 -2.34
CA GLY A 72 -26.38 3.90 -3.03
C GLY A 72 -26.10 5.11 -3.90
N SER A 73 -26.98 5.34 -4.88
CA SER A 73 -26.90 6.49 -5.79
C SER A 73 -28.11 7.40 -5.65
N TYR A 74 -27.93 8.67 -5.99
CA TYR A 74 -28.94 9.73 -5.90
C TYR A 74 -29.05 10.48 -7.23
N LEU A 75 -30.19 10.34 -7.92
CA LEU A 75 -30.55 11.20 -9.05
C LEU A 75 -31.33 12.40 -8.52
N TRP A 76 -30.84 13.61 -8.80
CA TRP A 76 -31.53 14.86 -8.42
C TRP A 76 -30.95 16.03 -9.19
N LEU A 77 -31.83 16.88 -9.74
CA LEU A 77 -31.46 18.09 -10.51
C LEU A 77 -30.44 17.80 -11.64
N GLN A 78 -30.77 16.77 -12.42
CA GLN A 78 -29.99 16.32 -13.58
C GLN A 78 -28.53 15.94 -13.24
N LYS A 79 -28.36 15.35 -12.05
CA LYS A 79 -27.06 14.97 -11.49
C LYS A 79 -27.16 13.61 -10.82
N LEU A 80 -26.13 12.78 -11.02
CA LEU A 80 -26.03 11.45 -10.41
C LEU A 80 -24.90 11.46 -9.38
N TRP A 81 -25.29 11.43 -8.09
CA TRP A 81 -24.37 11.38 -6.98
C TRP A 81 -24.25 9.92 -6.54
N ILE A 82 -23.06 9.34 -6.78
CA ILE A 82 -22.69 7.99 -6.35
C ILE A 82 -21.99 8.12 -4.99
N CYS A 83 -22.57 7.52 -3.96
CA CYS A 83 -22.04 7.58 -2.60
C CYS A 83 -21.20 6.35 -2.33
N MET A 84 -20.04 6.58 -1.70
CA MET A 84 -19.10 5.51 -1.37
C MET A 84 -18.29 5.72 -0.08
N GLU A 85 -17.74 4.60 0.40
CA GLU A 85 -16.71 4.55 1.45
C GLU A 85 -15.57 5.53 1.14
N PHE A 86 -15.25 6.42 2.08
CA PHE A 86 -14.16 7.41 1.97
C PHE A 86 -12.77 6.80 2.23
N CYS A 87 -11.80 7.12 1.36
CA CYS A 87 -10.40 6.70 1.51
C CYS A 87 -9.55 7.95 1.53
N GLY A 88 -9.25 8.43 2.76
CA GLY A 88 -8.63 9.75 2.99
C GLY A 88 -7.18 9.99 2.51
N ALA A 89 -6.44 8.93 2.16
CA ALA A 89 -5.10 9.08 1.51
C ALA A 89 -5.12 9.22 -0.02
N GLY A 90 -6.28 9.01 -0.62
CA GLY A 90 -6.43 9.01 -2.03
C GLY A 90 -5.90 7.72 -2.64
N SER A 91 -5.64 7.82 -3.94
CA SER A 91 -5.08 6.74 -4.72
C SER A 91 -3.58 6.62 -4.54
N LEU A 92 -3.09 5.43 -4.80
CA LEU A 92 -1.68 5.21 -4.93
C LEU A 92 -0.94 6.13 -5.90
N GLN A 93 -1.62 6.57 -6.97
CA GLN A 93 -1.10 7.61 -7.82
C GLN A 93 -1.00 8.97 -7.12
N ASP A 94 -2.05 9.36 -6.38
CA ASP A 94 -2.01 10.60 -5.59
C ASP A 94 -0.82 10.62 -4.64
N ILE A 95 -0.53 9.47 -4.01
CA ILE A 95 0.48 9.35 -2.97
C ILE A 95 1.89 9.36 -3.57
N TYR A 96 2.18 8.43 -4.51
CA TYR A 96 3.51 8.36 -5.16
C TYR A 96 3.97 9.60 -5.93
N GLN A 97 3.03 10.42 -6.40
CA GLN A 97 3.36 11.72 -6.99
C GLN A 97 4.05 12.67 -5.99
N VAL A 98 3.73 12.52 -4.71
CA VAL A 98 4.43 13.19 -3.59
C VAL A 98 5.58 12.33 -3.04
N THR A 99 5.27 11.07 -2.69
CA THR A 99 6.25 10.20 -1.99
C THR A 99 7.43 9.68 -2.84
N GLY A 100 7.27 9.62 -4.17
CA GLY A 100 8.16 8.84 -5.00
C GLY A 100 7.78 7.37 -4.92
N SER A 101 8.62 6.54 -5.52
CA SER A 101 8.30 5.12 -5.73
C SER A 101 8.19 4.30 -4.46
N LEU A 102 7.34 3.28 -4.52
CA LEU A 102 7.12 2.39 -3.39
C LEU A 102 8.23 1.38 -3.28
N SER A 103 8.50 0.92 -2.06
CA SER A 103 9.39 -0.22 -1.83
C SER A 103 8.75 -1.50 -2.38
N GLU A 104 9.58 -2.49 -2.65
CA GLU A 104 9.14 -3.82 -3.10
C GLU A 104 8.12 -4.42 -2.16
N LEU A 105 8.39 -4.37 -0.85
CA LEU A 105 7.44 -4.87 0.20
C LEU A 105 6.09 -4.16 0.23
N GLN A 106 6.10 -2.84 0.10
CA GLN A 106 4.91 -2.03 -0.01
C GLN A 106 4.09 -2.39 -1.24
N ILE A 107 4.79 -2.60 -2.36
CA ILE A 107 4.18 -3.11 -3.58
C ILE A 107 3.66 -4.54 -3.38
N SER A 108 4.42 -5.39 -2.69
CA SER A 108 3.98 -6.76 -2.40
C SER A 108 2.67 -6.82 -1.60
N TYR A 109 2.51 -5.97 -0.59
CA TYR A 109 1.29 -5.91 0.20
C TYR A 109 0.11 -5.44 -0.65
N VAL A 110 0.33 -4.32 -1.36
CA VAL A 110 -0.63 -3.80 -2.34
C VAL A 110 -1.09 -4.90 -3.30
N CYS A 111 -0.16 -5.62 -3.92
CA CYS A 111 -0.51 -6.70 -4.86
C CYS A 111 -1.37 -7.84 -4.28
N ARG A 112 -1.07 -8.23 -3.06
CA ARG A 112 -1.86 -9.24 -2.35
C ARG A 112 -3.30 -8.77 -2.06
N GLU A 113 -3.43 -7.53 -1.60
CA GLU A 113 -4.75 -6.94 -1.30
C GLU A 113 -5.59 -6.75 -2.55
N VAL A 114 -4.96 -6.29 -3.62
CA VAL A 114 -5.58 -6.19 -4.95
C VAL A 114 -5.99 -7.56 -5.49
N LEU A 115 -5.07 -8.52 -5.41
CA LEU A 115 -5.39 -9.91 -5.76
C LEU A 115 -6.58 -10.50 -5.00
N GLN A 116 -6.69 -10.15 -3.71
CA GLN A 116 -7.80 -10.59 -2.87
C GLN A 116 -9.16 -10.03 -3.35
N GLY A 117 -9.19 -8.72 -3.65
CA GLY A 117 -10.33 -8.09 -4.30
C GLY A 117 -10.70 -8.65 -5.67
N LEU A 118 -9.69 -8.84 -6.53
CA LEU A 118 -9.89 -9.48 -7.85
C LEU A 118 -10.38 -10.91 -7.77
N ALA A 119 -9.81 -11.71 -6.86
CA ALA A 119 -10.27 -13.09 -6.58
C ALA A 119 -11.77 -13.14 -6.30
N TYR A 120 -12.20 -12.25 -5.41
CA TYR A 120 -13.59 -12.10 -5.04
C TYR A 120 -14.46 -11.70 -6.24
N LEU A 121 -14.11 -10.58 -6.88
CA LEU A 121 -14.77 -10.12 -8.12
C LEU A 121 -14.86 -11.19 -9.23
N HIS A 122 -13.78 -11.95 -9.42
CA HIS A 122 -13.76 -13.02 -10.44
C HIS A 122 -14.67 -14.21 -10.12
N SER A 123 -14.67 -14.67 -8.87
CA SER A 123 -15.63 -15.68 -8.36
C SER A 123 -17.13 -15.33 -8.56
N GLN A 124 -17.44 -14.03 -8.57
CA GLN A 124 -18.77 -13.52 -8.95
C GLN A 124 -19.00 -13.32 -10.47
N LYS A 125 -18.05 -13.74 -11.31
CA LYS A 125 -18.04 -13.55 -12.78
C LYS A 125 -18.08 -12.05 -13.21
N LYS A 126 -17.35 -11.22 -12.49
CA LYS A 126 -17.23 -9.79 -12.75
C LYS A 126 -15.78 -9.48 -13.07
N ILE A 127 -15.55 -8.49 -13.92
CA ILE A 127 -14.21 -8.10 -14.36
C ILE A 127 -14.02 -6.63 -13.99
N HIS A 128 -12.86 -6.28 -13.41
CA HIS A 128 -12.59 -4.89 -13.01
C HIS A 128 -12.40 -3.96 -14.21
N ARG A 129 -11.45 -4.33 -15.07
CA ARG A 129 -11.18 -3.70 -16.39
C ARG A 129 -10.21 -2.49 -16.40
N ASP A 130 -10.14 -1.73 -15.31
CA ASP A 130 -9.29 -0.53 -15.19
C ASP A 130 -8.35 -0.53 -13.98
N ILE A 131 -7.69 -1.66 -13.73
CA ILE A 131 -6.70 -1.79 -12.64
C ILE A 131 -5.45 -0.92 -12.94
N LYS A 132 -5.32 0.12 -12.13
CA LYS A 132 -4.12 0.98 -12.14
C LYS A 132 -4.02 1.71 -10.80
N GLY A 133 -2.89 2.34 -10.57
CA GLY A 133 -2.61 3.11 -9.33
C GLY A 133 -3.70 4.07 -8.93
N ALA A 134 -4.25 4.79 -9.91
CA ALA A 134 -5.33 5.78 -9.71
C ALA A 134 -6.64 5.19 -9.21
N ASN A 135 -6.87 3.89 -9.42
CA ASN A 135 -8.04 3.14 -8.91
C ASN A 135 -7.77 2.20 -7.72
N ILE A 136 -6.60 2.33 -7.10
CA ILE A 136 -6.27 1.57 -5.88
C ILE A 136 -6.20 2.65 -4.83
N LEU A 137 -7.24 2.67 -3.98
CA LEU A 137 -7.40 3.68 -2.94
C LEU A 137 -6.92 3.15 -1.59
N ILE A 138 -6.50 4.09 -0.76
CA ILE A 138 -5.82 3.81 0.52
C ILE A 138 -6.53 4.63 1.58
N ASN A 139 -7.00 3.95 2.63
CA ASN A 139 -7.57 4.63 3.79
C ASN A 139 -6.45 5.02 4.77
N ASP A 140 -6.84 5.81 5.78
CA ASP A 140 -5.88 6.27 6.80
C ASP A 140 -5.30 5.13 7.67
N ALA A 141 -5.99 3.99 7.72
CA ALA A 141 -5.48 2.76 8.33
C ALA A 141 -4.52 1.94 7.45
N GLY A 142 -4.12 2.44 6.28
CA GLY A 142 -3.27 1.72 5.32
C GLY A 142 -3.87 0.48 4.69
N GLU A 143 -5.19 0.40 4.60
CA GLU A 143 -5.87 -0.71 3.89
C GLU A 143 -6.17 -0.30 2.45
N VAL A 144 -6.31 -1.32 1.62
CA VAL A 144 -6.34 -1.19 0.18
C VAL A 144 -7.74 -1.51 -0.31
N ARG A 145 -8.30 -0.58 -1.09
CA ARG A 145 -9.64 -0.61 -1.64
C ARG A 145 -9.63 -0.31 -3.14
N LEU A 146 -10.10 -1.26 -3.95
CA LEU A 146 -10.37 -1.05 -5.38
C LEU A 146 -11.59 -0.16 -5.58
N ALA A 147 -11.48 0.83 -6.48
CA ALA A 147 -12.56 1.80 -6.76
C ALA A 147 -13.46 1.32 -7.88
N ASP A 148 -14.61 2.00 -8.04
CA ASP A 148 -15.74 1.57 -8.92
C ASP A 148 -15.32 1.25 -10.36
N PHE A 149 -16.08 0.36 -10.98
CA PHE A 149 -15.75 -0.18 -12.30
C PHE A 149 -16.98 -0.31 -13.19
N ALA A 153 -17.77 4.88 -16.89
CA ALA A 153 -17.40 4.28 -18.17
C ALA A 153 -18.54 4.31 -19.19
N GLN A 154 -19.74 3.86 -18.77
CA GLN A 154 -20.89 3.65 -19.67
C GLN A 154 -21.83 4.88 -19.72
N ILE A 155 -21.27 6.09 -19.79
CA ILE A 155 -22.06 7.31 -19.62
C ILE A 155 -21.43 8.53 -20.26
N GLY A 156 -22.29 9.35 -20.87
CA GLY A 156 -21.97 10.73 -21.22
C GLY A 156 -21.06 10.91 -22.41
N ALA A 157 -20.16 11.90 -22.30
CA ALA A 157 -19.06 12.12 -23.24
C ALA A 157 -18.08 10.94 -23.37
N THR A 158 -17.89 10.17 -22.30
CA THR A 158 -17.00 8.99 -22.32
C THR A 158 -17.56 7.87 -23.21
N LEU A 159 -18.79 7.44 -22.92
CA LEU A 159 -19.51 6.46 -23.77
C LEU A 159 -19.79 6.96 -25.19
N ALA A 160 -19.93 8.29 -25.36
CA ALA A 160 -20.01 8.87 -26.68
C ALA A 160 -18.73 8.57 -27.45
N ARG A 161 -17.60 9.08 -26.96
CA ARG A 161 -16.27 8.94 -27.61
C ARG A 161 -15.87 7.49 -27.95
N ARG A 162 -16.05 6.58 -26.98
CA ARG A 162 -15.67 5.16 -27.06
C ARG A 162 -16.26 4.42 -28.24
N LEU A 163 -17.57 4.57 -28.42
CA LEU A 163 -18.25 3.93 -29.53
C LEU A 163 -17.96 4.63 -30.84
N ALA A 164 -17.67 5.95 -30.85
CA ALA A 164 -17.28 6.65 -32.10
C ALA A 164 -15.84 6.23 -32.48
N PHE A 165 -15.71 5.02 -33.02
CA PHE A 165 -14.45 4.21 -33.03
C PHE A 165 -14.79 2.79 -33.49
N ILE A 166 -15.78 2.21 -32.80
CA ILE A 166 -16.32 0.88 -33.13
C ILE A 166 -17.33 0.98 -34.29
N GLY A 167 -18.18 2.00 -34.25
CA GLY A 167 -19.12 2.26 -35.33
C GLY A 167 -20.09 3.34 -34.97
N THR A 168 -21.33 3.19 -35.44
CA THR A 168 -22.46 4.00 -35.00
C THR A 168 -23.47 2.97 -34.49
N PRO A 169 -23.99 3.11 -33.20
CA PRO A 169 -24.74 2.06 -32.51
C PRO A 169 -25.93 1.44 -33.22
N TYR A 170 -26.76 2.29 -33.81
CA TYR A 170 -28.00 1.84 -34.46
C TYR A 170 -27.75 0.91 -35.68
N TRP A 171 -26.60 1.08 -36.36
CA TRP A 171 -26.21 0.29 -37.50
C TRP A 171 -25.33 -0.94 -37.15
N MET A 172 -24.95 -1.13 -35.88
CA MET A 172 -24.04 -2.23 -35.51
C MET A 172 -24.76 -3.56 -35.45
N ALA A 173 -24.07 -4.63 -35.87
CA ALA A 173 -24.57 -6.01 -35.68
C ALA A 173 -24.53 -6.45 -34.20
N PRO A 174 -25.21 -7.59 -33.85
CA PRO A 174 -25.16 -8.07 -32.43
C PRO A 174 -23.76 -8.38 -31.92
N GLU A 175 -22.99 -9.14 -32.73
CA GLU A 175 -21.58 -9.44 -32.41
C GLU A 175 -20.71 -8.20 -32.14
N VAL A 176 -20.98 -7.10 -32.85
CA VAL A 176 -20.27 -5.83 -32.66
C VAL A 176 -20.71 -5.26 -31.30
N ALA A 177 -22.04 -5.13 -31.14
CA ALA A 177 -22.65 -4.64 -29.90
C ALA A 177 -22.07 -5.34 -28.64
N ALA A 178 -21.96 -6.67 -28.70
CA ALA A 178 -21.43 -7.50 -27.63
C ALA A 178 -20.00 -7.11 -27.23
N VAL A 179 -19.17 -6.96 -28.26
CA VAL A 179 -17.83 -6.47 -28.10
C VAL A 179 -17.81 -5.03 -27.60
N ALA A 180 -18.65 -4.17 -28.18
CA ALA A 180 -18.66 -2.76 -27.80
C ALA A 180 -18.97 -2.49 -26.34
N LEU A 181 -19.85 -3.31 -25.74
CA LEU A 181 -20.28 -3.17 -24.34
C LEU A 181 -19.33 -3.82 -23.35
N LYS A 182 -18.84 -5.03 -23.69
CA LYS A 182 -18.08 -5.90 -22.80
C LYS A 182 -16.62 -6.24 -23.19
N GLY A 183 -16.31 -6.19 -24.49
CA GLY A 183 -14.95 -6.42 -24.97
C GLY A 183 -14.60 -7.87 -25.32
N CYS A 184 -15.50 -8.83 -25.03
CA CYS A 184 -15.29 -10.25 -25.36
C CYS A 184 -14.17 -11.00 -24.64
N TYR A 185 -13.46 -10.28 -23.77
CA TYR A 185 -12.24 -10.71 -23.13
C TYR A 185 -12.60 -11.05 -21.68
N ASN A 186 -11.66 -11.70 -21.02
CA ASN A 186 -11.90 -12.42 -19.76
C ASN A 186 -11.29 -11.75 -18.51
N GLU A 187 -11.58 -12.35 -17.37
CA GLU A 187 -11.09 -11.90 -16.04
C GLU A 187 -9.57 -11.78 -15.91
N LEU A 188 -8.85 -12.66 -16.60
CA LEU A 188 -7.40 -12.65 -16.64
C LEU A 188 -6.73 -11.38 -17.19
N CYS A 189 -7.48 -10.52 -17.88
N CYS A 189 -7.47 -10.52 -17.88
CA CYS A 189 -7.01 -9.17 -18.23
CA CYS A 189 -7.00 -9.17 -18.23
C CYS A 189 -6.62 -8.30 -17.03
C CYS A 189 -6.62 -8.30 -17.03
N ASP A 190 -7.32 -8.47 -15.90
CA ASP A 190 -7.03 -7.72 -14.66
C ASP A 190 -5.66 -8.13 -14.08
N ILE A 191 -5.31 -9.40 -14.22
CA ILE A 191 -4.03 -9.96 -13.76
C ILE A 191 -2.89 -9.28 -14.49
N TRP A 192 -3.01 -9.19 -15.83
CA TRP A 192 -2.10 -8.38 -16.66
C TRP A 192 -1.99 -6.93 -16.17
N SER A 193 -3.12 -6.27 -15.98
CA SER A 193 -3.17 -4.88 -15.52
C SER A 193 -2.49 -4.65 -14.16
N LEU A 194 -2.59 -5.63 -13.26
CA LEU A 194 -1.89 -5.61 -11.98
C LEU A 194 -0.38 -5.60 -12.13
N GLY A 195 0.13 -6.50 -13.00
CA GLY A 195 1.52 -6.52 -13.39
C GLY A 195 2.10 -5.21 -13.89
N ILE A 196 1.32 -4.50 -14.69
CA ILE A 196 1.66 -3.16 -15.16
C ILE A 196 1.65 -2.17 -13.96
N THR A 197 0.58 -2.25 -13.12
CA THR A 197 0.46 -1.45 -11.91
C THR A 197 1.69 -1.63 -10.94
N ALA A 198 2.20 -2.86 -10.81
CA ALA A 198 3.34 -3.12 -9.98
C ALA A 198 4.61 -2.41 -10.52
N ILE A 199 4.76 -2.34 -11.85
CA ILE A 199 5.84 -1.57 -12.48
C ILE A 199 5.66 -0.08 -12.25
N GLU A 200 4.43 0.40 -12.45
CA GLU A 200 3.99 1.78 -12.19
C GLU A 200 4.37 2.27 -10.80
N LEU A 201 4.07 1.45 -9.81
CA LEU A 201 4.33 1.76 -8.39
C LEU A 201 5.83 1.75 -8.11
N ALA A 202 6.53 0.82 -8.77
CA ALA A 202 7.98 0.73 -8.72
C ALA A 202 8.70 1.87 -9.38
N GLU A 203 8.16 2.45 -10.46
CA GLU A 203 8.88 3.38 -11.35
C GLU A 203 8.18 4.74 -11.61
N LEU A 204 7.02 5.01 -10.99
CA LEU A 204 6.21 6.24 -11.13
C LEU A 204 5.45 6.46 -12.48
N GLN A 205 5.49 5.46 -13.36
CA GLN A 205 4.92 5.52 -14.72
C GLN A 205 4.78 4.06 -15.17
N PRO A 206 3.77 3.73 -15.99
CA PRO A 206 3.75 2.38 -16.56
C PRO A 206 4.78 2.28 -17.68
N PRO A 207 5.07 1.04 -18.17
CA PRO A 207 5.86 0.92 -19.40
C PRO A 207 5.24 1.73 -20.53
N LEU A 208 6.10 2.35 -21.31
CA LEU A 208 5.73 3.05 -22.54
C LEU A 208 4.89 4.33 -22.36
N PHE A 209 4.92 4.95 -21.17
N PHE A 209 4.94 4.95 -21.18
CA PHE A 209 4.16 6.21 -20.90
CA PHE A 209 4.22 6.18 -20.85
C PHE A 209 4.59 7.40 -21.76
C PHE A 209 4.61 7.39 -21.74
N ASP A 210 5.82 7.37 -22.28
CA ASP A 210 6.32 8.37 -23.25
C ASP A 210 6.00 8.01 -24.73
N VAL A 211 5.46 6.83 -24.99
CA VAL A 211 5.06 6.34 -26.31
C VAL A 211 3.53 6.59 -26.55
N HIS A 212 3.14 6.82 -27.81
CA HIS A 212 1.76 7.13 -28.16
C HIS A 212 0.82 5.92 -27.96
N PRO A 213 -0.34 6.10 -27.25
CA PRO A 213 -1.17 4.96 -26.83
C PRO A 213 -1.54 3.97 -27.93
N LEU A 214 -1.92 4.49 -29.07
CA LEU A 214 -2.25 3.66 -30.23
C LEU A 214 -1.13 2.74 -30.72
N ARG A 215 0.10 3.24 -30.68
CA ARG A 215 1.25 2.47 -31.09
C ARG A 215 1.54 1.41 -30.01
N VAL A 216 1.36 1.75 -28.74
CA VAL A 216 1.44 0.76 -27.66
C VAL A 216 0.48 -0.40 -27.95
N LEU A 217 -0.78 -0.09 -28.29
CA LEU A 217 -1.78 -1.13 -28.56
C LEU A 217 -1.43 -1.96 -29.77
N PHE A 218 -1.07 -1.28 -30.87
CA PHE A 218 -0.65 -1.94 -32.08
C PHE A 218 0.43 -2.99 -31.89
N LEU A 219 1.49 -2.58 -31.19
CA LEU A 219 2.66 -3.44 -30.94
C LEU A 219 2.37 -4.72 -30.16
N MET A 220 1.43 -4.63 -29.20
CA MET A 220 0.92 -5.80 -28.44
C MET A 220 0.30 -6.92 -29.31
N THR A 221 -0.20 -6.57 -30.49
CA THR A 221 -0.77 -7.53 -31.44
C THR A 221 0.26 -8.19 -32.38
N LYS A 222 1.48 -7.65 -32.42
CA LYS A 222 2.48 -8.04 -33.43
C LYS A 222 3.26 -9.24 -32.95
N SER A 223 3.67 -10.07 -33.90
CA SER A 223 4.46 -11.27 -33.65
C SER A 223 5.88 -10.86 -33.28
N GLY A 224 6.43 -11.53 -32.27
CA GLY A 224 7.67 -11.12 -31.60
C GLY A 224 7.53 -10.02 -30.56
N TYR A 225 6.30 -9.77 -30.11
CA TYR A 225 6.04 -8.83 -29.00
C TYR A 225 6.62 -9.41 -27.72
N GLN A 226 7.22 -8.52 -26.93
CA GLN A 226 7.86 -8.86 -25.66
C GLN A 226 7.08 -8.10 -24.62
N PRO A 227 6.52 -8.80 -23.60
CA PRO A 227 5.90 -8.04 -22.50
C PRO A 227 6.95 -7.22 -21.73
N PRO A 228 6.56 -6.07 -21.15
CA PRO A 228 7.53 -5.21 -20.47
C PRO A 228 8.10 -5.83 -19.22
N ARG A 229 9.15 -5.18 -18.69
CA ARG A 229 9.90 -5.63 -17.53
C ARG A 229 10.26 -4.45 -16.66
N LEU A 230 10.71 -4.76 -15.45
CA LEU A 230 11.30 -3.78 -14.56
C LEU A 230 12.60 -3.27 -15.17
N LYS A 231 12.80 -1.95 -15.08
CA LYS A 231 13.90 -1.26 -15.75
C LYS A 231 15.26 -1.51 -15.10
N GLU A 232 15.34 -1.47 -13.76
CA GLU A 232 16.59 -1.79 -13.03
C GLU A 232 16.54 -3.23 -12.56
N LYS A 233 17.45 -4.08 -13.02
CA LYS A 233 17.47 -5.51 -12.62
C LYS A 233 17.84 -5.71 -11.14
N GLY A 234 18.90 -5.05 -10.71
CA GLY A 234 19.47 -5.23 -9.37
C GLY A 234 18.70 -4.65 -8.21
N LYS A 235 17.85 -3.65 -8.47
CA LYS A 235 17.00 -3.05 -7.42
C LYS A 235 15.97 -4.01 -6.78
N TRP A 236 15.50 -5.01 -7.52
CA TRP A 236 14.40 -5.88 -7.09
C TRP A 236 14.85 -7.33 -6.97
N SER A 237 14.15 -8.06 -6.12
CA SER A 237 14.33 -9.50 -5.95
C SER A 237 13.87 -10.25 -7.20
N ALA A 238 14.47 -11.42 -7.39
CA ALA A 238 14.06 -12.38 -8.45
C ALA A 238 12.58 -12.80 -8.34
N ALA A 239 12.07 -12.84 -7.11
CA ALA A 239 10.67 -13.10 -6.84
C ALA A 239 9.75 -12.03 -7.42
N PHE A 240 10.12 -10.75 -7.26
CA PHE A 240 9.39 -9.64 -7.88
C PHE A 240 9.52 -9.68 -9.41
N HIS A 241 10.72 -9.90 -9.95
CA HIS A 241 10.90 -10.12 -11.41
C HIS A 241 10.04 -11.27 -11.96
N ASN A 242 9.86 -12.33 -11.15
CA ASN A 242 9.00 -13.46 -11.50
C ASN A 242 7.53 -13.08 -11.49
N PHE A 243 7.08 -12.42 -10.41
CA PHE A 243 5.72 -11.85 -10.33
C PHE A 243 5.33 -11.06 -11.59
N ILE A 244 6.23 -10.21 -12.04
CA ILE A 244 6.05 -9.44 -13.30
C ILE A 244 6.05 -10.32 -14.54
N LYS A 245 7.00 -11.26 -14.64
CA LYS A 245 7.00 -12.22 -15.77
C LYS A 245 5.66 -12.95 -15.95
N VAL A 246 5.12 -13.40 -14.84
CA VAL A 246 4.02 -14.35 -14.82
C VAL A 246 2.69 -13.61 -15.01
N THR A 247 2.51 -12.48 -14.34
CA THR A 247 1.30 -11.64 -14.55
C THR A 247 1.22 -11.08 -15.96
N LEU A 248 2.38 -10.69 -16.52
CA LEU A 248 2.49 -10.22 -17.89
C LEU A 248 2.76 -11.36 -18.90
N THR A 249 2.08 -12.50 -18.73
CA THR A 249 2.00 -13.55 -19.73
C THR A 249 1.14 -13.04 -20.89
N LYS A 250 1.66 -13.23 -22.10
CA LYS A 250 1.08 -12.66 -23.32
C LYS A 250 -0.27 -13.32 -23.60
N SER A 251 -0.29 -14.64 -23.62
CA SER A 251 -1.51 -15.42 -23.83
C SER A 251 -2.42 -15.41 -22.60
N PRO A 252 -3.73 -15.08 -22.78
CA PRO A 252 -4.69 -15.35 -21.68
C PRO A 252 -4.79 -16.82 -21.27
N LYS A 253 -4.67 -17.75 -22.23
CA LYS A 253 -4.69 -19.20 -21.94
C LYS A 253 -3.63 -19.67 -20.93
N LYS A 254 -2.45 -19.04 -20.94
CA LYS A 254 -1.34 -19.35 -20.02
C LYS A 254 -1.18 -18.40 -18.81
N ARG A 255 -1.83 -17.24 -18.81
CA ARG A 255 -1.76 -16.29 -17.68
C ARG A 255 -2.52 -16.82 -16.44
N PRO A 256 -1.89 -16.83 -15.25
CA PRO A 256 -2.56 -17.44 -14.13
C PRO A 256 -3.68 -16.59 -13.53
N SER A 257 -4.54 -17.25 -12.76
CA SER A 257 -5.68 -16.63 -12.10
C SER A 257 -5.28 -15.86 -10.87
N ALA A 258 -6.21 -15.07 -10.35
CA ALA A 258 -5.99 -14.27 -9.15
C ALA A 258 -5.72 -15.15 -7.94
N THR A 259 -6.51 -16.20 -7.74
CA THR A 259 -6.30 -17.18 -6.67
C THR A 259 -4.97 -17.94 -6.80
N LYS A 260 -4.61 -18.37 -8.01
CA LYS A 260 -3.26 -18.91 -8.28
C LYS A 260 -2.13 -17.92 -7.96
N MET A 261 -2.33 -16.63 -8.29
CA MET A 261 -1.37 -15.57 -7.93
C MET A 261 -1.22 -15.34 -6.44
N LEU A 262 -2.27 -15.55 -5.65
CA LEU A 262 -2.16 -15.50 -4.18
C LEU A 262 -1.23 -16.57 -3.56
N SER A 263 -0.93 -17.65 -4.29
CA SER A 263 0.14 -18.63 -3.93
C SER A 263 1.59 -18.20 -4.27
N HIS A 264 1.77 -17.07 -4.93
CA HIS A 264 3.09 -16.66 -5.42
C HIS A 264 3.90 -16.12 -4.23
N GLN A 265 5.21 -16.40 -4.22
CA GLN A 265 6.11 -16.04 -3.11
C GLN A 265 6.00 -14.58 -2.70
N LEU A 266 6.04 -13.69 -3.70
CA LEU A 266 5.90 -12.25 -3.50
C LEU A 266 4.74 -11.82 -2.61
N VAL A 267 3.55 -12.38 -2.85
CA VAL A 267 2.33 -12.03 -2.09
C VAL A 267 2.02 -12.95 -0.88
N SER A 268 2.55 -14.17 -0.86
CA SER A 268 2.33 -15.12 0.23
C SER A 268 3.37 -15.04 1.36
N GLN A 269 4.45 -14.28 1.15
CA GLN A 269 5.51 -14.09 2.16
C GLN A 269 4.99 -13.42 3.44
N PRO A 270 5.60 -13.79 4.60
CA PRO A 270 5.11 -13.21 5.86
C PRO A 270 5.62 -11.78 6.05
N GLY A 271 4.95 -11.06 6.95
CA GLY A 271 5.27 -9.66 7.23
C GLY A 271 4.70 -8.63 6.27
N LEU A 272 3.74 -9.04 5.42
CA LEU A 272 3.00 -8.11 4.60
C LEU A 272 1.72 -7.71 5.39
N ASN A 273 1.63 -6.42 5.73
CA ASN A 273 0.48 -5.85 6.43
C ASN A 273 0.41 -4.34 6.23
N ARG A 274 -0.67 -3.73 6.71
CA ARG A 274 -0.93 -2.29 6.52
C ARG A 274 0.12 -1.34 7.11
N GLY A 275 0.88 -1.79 8.10
CA GLY A 275 2.02 -1.01 8.62
C GLY A 275 2.95 -0.49 7.54
N LEU A 276 3.28 -1.34 6.57
CA LEU A 276 4.07 -0.94 5.35
C LEU A 276 3.54 0.34 4.68
N ILE A 277 2.23 0.44 4.56
CA ILE A 277 1.54 1.63 4.03
C ILE A 277 1.43 2.78 5.07
N LEU A 278 1.30 2.46 6.36
CA LEU A 278 1.42 3.50 7.44
C LEU A 278 2.77 4.23 7.38
N ASP A 279 3.83 3.53 7.00
CA ASP A 279 5.13 4.18 6.69
C ASP A 279 5.01 5.09 5.51
N LEU A 280 4.38 4.58 4.45
CA LEU A 280 4.09 5.39 3.26
C LEU A 280 3.33 6.68 3.57
N LEU A 281 2.26 6.59 4.35
CA LEU A 281 1.47 7.77 4.71
C LEU A 281 2.18 8.75 5.65
N ASP A 282 3.05 8.23 6.52
CA ASP A 282 3.99 9.06 7.24
C ASP A 282 4.98 9.83 6.34
N LYS A 283 5.48 9.14 5.34
CA LYS A 283 6.39 9.74 4.33
C LYS A 283 5.71 10.85 3.52
N LEU A 284 4.44 10.63 3.15
CA LEU A 284 3.59 11.63 2.50
C LEU A 284 3.51 12.93 3.30
N LYS A 285 3.20 12.81 4.60
CA LYS A 285 3.11 13.97 5.50
C LYS A 285 4.44 14.67 5.76
N ASN A 286 5.56 13.94 5.64
CA ASN A 286 6.94 14.46 5.86
C ASN A 286 7.86 14.20 4.65
N PRO A 287 7.54 14.75 3.45
CA PRO A 287 8.16 14.32 2.17
C PRO A 287 9.56 14.87 1.87
N ILE B 1 2.08 9.70 -48.08
CA ILE B 1 1.68 10.87 -47.22
C ILE B 1 2.62 12.10 -47.42
N PHE B 2 2.03 13.23 -47.82
CA PHE B 2 2.79 14.43 -48.19
C PHE B 2 2.84 15.39 -47.02
N ASN B 3 3.81 16.30 -47.12
CA ASN B 3 4.32 17.06 -46.00
C ASN B 3 4.48 18.56 -46.33
N ARG B 4 3.44 19.14 -46.93
CA ARG B 4 3.46 20.51 -47.48
C ARG B 4 2.07 21.12 -47.38
N ASP B 5 1.98 22.44 -47.59
CA ASP B 5 0.68 23.16 -47.63
C ASP B 5 -0.10 22.69 -48.89
N PRO B 6 -1.29 22.05 -48.72
CA PRO B 6 -2.08 21.65 -49.91
C PRO B 6 -2.65 22.80 -50.77
N ARG B 7 -2.72 24.02 -50.23
CA ARG B 7 -3.00 25.25 -51.00
C ARG B 7 -2.02 25.50 -52.19
N ASP B 8 -0.80 24.99 -52.07
CA ASP B 8 0.18 24.92 -53.19
C ASP B 8 -0.39 24.19 -54.41
N HIS B 9 -1.00 23.03 -54.16
CA HIS B 9 -1.56 22.15 -55.20
C HIS B 9 -3.10 22.24 -55.43
N TYR B 10 -3.86 22.94 -54.56
CA TYR B 10 -5.34 23.06 -54.63
C TYR B 10 -5.90 24.44 -54.26
N ASP B 11 -7.07 24.79 -54.82
CA ASP B 11 -7.78 26.01 -54.46
C ASP B 11 -9.06 25.64 -53.69
N LEU B 12 -9.12 26.03 -52.40
CA LEU B 12 -10.35 25.91 -51.58
C LEU B 12 -11.48 26.77 -52.15
N LEU B 13 -12.72 26.31 -51.99
CA LEU B 13 -13.92 26.95 -52.58
C LEU B 13 -15.06 27.21 -51.57
N GLN B 14 -15.44 26.20 -50.78
CA GLN B 14 -16.40 26.37 -49.67
C GLN B 14 -16.36 25.26 -48.60
N ARG B 15 -16.61 25.63 -47.34
CA ARG B 15 -16.94 24.69 -46.25
C ARG B 15 -18.29 24.01 -46.52
N LEU B 16 -18.41 22.76 -46.08
CA LEU B 16 -19.59 21.91 -46.31
C LEU B 16 -20.32 21.51 -45.01
N GLY B 17 -19.55 21.07 -44.00
CA GLY B 17 -20.07 20.71 -42.68
C GLY B 17 -19.07 19.98 -41.81
N GLU B 23 -15.05 20.54 -40.66
CA GLU B 23 -14.51 21.32 -41.77
C GLU B 23 -13.96 20.44 -42.91
N VAL B 24 -14.90 20.00 -43.76
CA VAL B 24 -14.64 19.37 -45.06
C VAL B 24 -14.91 20.44 -46.10
N PHE B 25 -14.09 20.44 -47.16
CA PHE B 25 -14.02 21.53 -48.11
C PHE B 25 -14.31 21.09 -49.52
N LYS B 26 -15.10 21.88 -50.25
CA LYS B 26 -15.11 21.84 -51.73
C LYS B 26 -13.82 22.51 -52.20
N ALA B 27 -13.12 21.88 -53.14
CA ALA B 27 -11.90 22.46 -53.75
C ALA B 27 -11.65 21.94 -55.17
N ARG B 28 -10.85 22.68 -55.93
CA ARG B 28 -10.39 22.29 -57.26
C ARG B 28 -8.86 22.11 -57.31
N ASP B 29 -8.40 21.16 -58.13
CA ASP B 29 -7.00 21.00 -58.49
C ASP B 29 -6.57 22.24 -59.29
N LYS B 30 -5.51 22.92 -58.84
CA LYS B 30 -4.96 24.09 -59.54
C LYS B 30 -4.38 23.77 -60.95
N VAL B 31 -3.83 22.56 -61.09
CA VAL B 31 -3.24 22.09 -62.36
C VAL B 31 -4.25 21.32 -63.23
N SER B 32 -4.77 20.24 -62.67
CA SER B 32 -5.64 19.28 -63.38
C SER B 32 -7.07 19.77 -63.70
N GLY B 33 -7.58 20.74 -62.93
CA GLY B 33 -8.97 21.20 -63.02
C GLY B 33 -10.05 20.34 -62.35
N ASP B 34 -9.66 19.21 -61.77
CA ASP B 34 -10.61 18.24 -61.20
C ASP B 34 -11.04 18.72 -59.82
N LEU B 35 -12.34 18.60 -59.54
CA LEU B 35 -12.90 18.96 -58.24
C LEU B 35 -12.53 17.86 -57.24
N VAL B 36 -12.20 18.27 -56.02
CA VAL B 36 -11.83 17.37 -54.93
C VAL B 36 -12.51 17.79 -53.64
N ALA B 37 -12.59 16.82 -52.74
CA ALA B 37 -13.00 17.01 -51.36
C ALA B 37 -11.76 16.95 -50.47
N LEU B 38 -11.57 17.96 -49.63
CA LEU B 38 -10.46 18.03 -48.66
C LEU B 38 -11.03 17.97 -47.24
N LYS B 39 -10.89 16.80 -46.56
CA LYS B 39 -11.22 16.66 -45.12
C LYS B 39 -10.01 17.14 -44.32
N MET B 40 -10.22 18.23 -43.58
CA MET B 40 -9.21 18.83 -42.69
C MET B 40 -9.43 18.40 -41.23
N VAL B 41 -8.34 18.18 -40.51
CA VAL B 41 -8.36 17.79 -39.07
C VAL B 41 -7.25 18.54 -38.31
N LYS B 42 -7.62 19.27 -37.24
CA LYS B 42 -6.62 19.94 -36.37
C LYS B 42 -5.85 18.87 -35.58
N MET B 43 -4.58 19.15 -35.27
CA MET B 43 -3.71 18.24 -34.52
C MET B 43 -2.78 19.02 -33.59
N GLU B 44 -3.21 19.22 -32.33
CA GLU B 44 -2.47 20.06 -31.36
C GLU B 44 -1.35 19.29 -30.61
N PRO B 45 -1.67 18.64 -29.47
CA PRO B 45 -0.61 18.33 -28.51
C PRO B 45 0.21 17.05 -28.82
N ASP B 46 -0.38 15.86 -28.59
CA ASP B 46 0.28 14.58 -28.76
C ASP B 46 -0.53 13.62 -29.65
N ASP B 47 -1.02 14.14 -30.76
CA ASP B 47 -1.45 13.30 -31.92
C ASP B 47 -0.18 12.92 -32.69
N ASP B 48 -0.15 11.70 -33.22
CA ASP B 48 0.92 11.24 -34.09
C ASP B 48 0.29 10.83 -35.41
N VAL B 49 0.65 11.54 -36.48
CA VAL B 49 0.25 11.18 -37.85
C VAL B 49 0.79 9.81 -38.28
N SER B 50 2.00 9.47 -37.85
CA SER B 50 2.62 8.19 -38.21
C SER B 50 1.90 6.90 -37.76
N THR B 51 0.97 7.01 -36.82
CA THR B 51 0.06 5.91 -36.44
C THR B 51 -1.14 5.70 -37.37
N LEU B 52 -1.41 6.67 -38.27
CA LEU B 52 -2.45 6.53 -39.33
C LEU B 52 -1.97 5.91 -40.66
N GLN B 53 -0.72 5.43 -40.71
CA GLN B 53 -0.10 4.91 -41.93
C GLN B 53 -0.62 3.54 -42.37
N LYS B 54 -0.93 2.66 -41.42
CA LYS B 54 -1.58 1.37 -41.72
C LYS B 54 -3.03 1.55 -42.29
N GLU B 55 -3.74 2.58 -41.81
CA GLU B 55 -5.11 2.92 -42.27
C GLU B 55 -5.16 3.75 -43.57
N ILE B 56 -4.13 4.57 -43.82
CA ILE B 56 -3.93 5.27 -45.12
C ILE B 56 -3.57 4.29 -46.25
N LEU B 57 -2.68 3.32 -45.95
CA LEU B 57 -2.28 2.26 -46.91
C LEU B 57 -3.43 1.30 -47.29
N ILE B 58 -4.35 1.07 -46.35
CA ILE B 58 -5.66 0.42 -46.63
C ILE B 58 -6.51 1.26 -47.61
N LEU B 59 -6.61 2.57 -47.34
CA LEU B 59 -7.37 3.51 -48.17
C LEU B 59 -6.77 3.79 -49.56
N LYS B 60 -5.44 3.80 -49.65
CA LYS B 60 -4.73 4.05 -50.92
C LYS B 60 -4.84 2.88 -51.90
N THR B 61 -4.61 1.66 -51.42
CA THR B 61 -4.75 0.43 -52.24
C THR B 61 -6.18 0.08 -52.66
N CYS B 62 -7.18 0.67 -52.01
CA CYS B 62 -8.58 0.62 -52.47
C CYS B 62 -8.77 1.43 -53.76
N ARG B 63 -8.86 0.72 -54.88
CA ARG B 63 -9.14 1.28 -56.21
C ARG B 63 -10.33 0.52 -56.84
N HIS B 64 -11.54 1.00 -56.55
CA HIS B 64 -12.80 0.44 -57.09
C HIS B 64 -13.78 1.59 -57.37
N ALA B 65 -14.66 1.38 -58.35
CA ALA B 65 -15.62 2.41 -58.75
C ALA B 65 -16.60 2.80 -57.62
N ASN B 66 -16.98 1.83 -56.80
CA ASN B 66 -17.87 2.06 -55.62
C ASN B 66 -17.24 2.46 -54.30
N ILE B 67 -15.95 2.83 -54.33
CA ILE B 67 -15.21 3.33 -53.18
C ILE B 67 -14.73 4.74 -53.52
N VAL B 68 -14.90 5.69 -52.61
CA VAL B 68 -14.39 7.08 -52.77
C VAL B 68 -12.89 6.93 -52.98
N ALA B 69 -12.38 7.47 -54.08
CA ALA B 69 -10.93 7.43 -54.34
C ALA B 69 -10.17 8.27 -53.31
N TYR B 70 -9.09 7.70 -52.77
CA TYR B 70 -8.11 8.43 -51.95
C TYR B 70 -7.04 8.98 -52.90
N HIS B 71 -6.60 10.22 -52.67
CA HIS B 71 -5.54 10.84 -53.49
C HIS B 71 -4.25 11.26 -52.75
N GLY B 72 -4.23 11.19 -51.42
CA GLY B 72 -3.06 11.55 -50.61
C GLY B 72 -3.44 12.49 -49.48
N SER B 73 -2.61 12.52 -48.44
CA SER B 73 -2.78 13.38 -47.28
C SER B 73 -1.68 14.44 -47.21
N TYR B 74 -1.98 15.56 -46.54
CA TYR B 74 -1.05 16.68 -46.37
C TYR B 74 -0.97 17.09 -44.90
N LEU B 75 0.20 16.89 -44.28
CA LEU B 75 0.50 17.50 -42.96
C LEU B 75 1.12 18.88 -43.18
N TRP B 76 0.49 19.92 -42.62
CA TRP B 76 1.03 21.28 -42.64
C TRP B 76 0.38 22.14 -41.57
N LEU B 77 1.23 22.86 -40.82
CA LEU B 77 0.80 23.79 -39.76
C LEU B 77 -0.19 23.15 -38.75
N GLN B 78 0.22 21.98 -38.26
CA GLN B 78 -0.51 21.20 -37.25
C GLN B 78 -1.93 20.80 -37.70
N LYS B 79 -2.08 20.52 -39.00
CA LYS B 79 -3.34 20.13 -39.65
C LYS B 79 -3.10 19.00 -40.65
N LEU B 80 -4.03 18.04 -40.70
CA LEU B 80 -4.01 16.90 -41.63
C LEU B 80 -5.15 17.08 -42.63
N TRP B 81 -4.78 17.34 -43.88
CA TRP B 81 -5.73 17.52 -44.97
C TRP B 81 -5.74 16.23 -45.77
N ILE B 82 -6.86 15.48 -45.68
CA ILE B 82 -7.10 14.24 -46.45
C ILE B 82 -7.83 14.63 -47.73
N CYS B 83 -7.18 14.45 -48.89
CA CYS B 83 -7.76 14.81 -50.17
C CYS B 83 -8.44 13.60 -50.80
N MET B 84 -9.61 13.80 -51.42
CA MET B 84 -10.39 12.72 -52.05
C MET B 84 -11.34 13.15 -53.20
N GLU B 85 -11.78 12.14 -53.95
CA GLU B 85 -12.82 12.24 -54.99
C GLU B 85 -14.05 12.99 -54.49
N PHE B 86 -14.45 14.03 -55.21
CA PHE B 86 -15.59 14.88 -54.86
C PHE B 86 -16.94 14.23 -55.28
N CYS B 87 -17.91 14.24 -54.36
CA CYS B 87 -19.26 13.72 -54.60
C CYS B 87 -20.24 14.85 -54.29
N GLY B 88 -20.63 15.57 -55.35
CA GLY B 88 -21.38 16.83 -55.27
C GLY B 88 -22.78 16.84 -54.72
N ALA B 89 -23.43 15.68 -54.68
CA ALA B 89 -24.78 15.55 -54.07
C ALA B 89 -24.76 15.16 -52.57
N GLY B 90 -23.57 14.96 -51.99
CA GLY B 90 -23.44 14.61 -50.62
C GLY B 90 -23.79 13.17 -50.35
N SER B 91 -24.07 12.87 -49.07
CA SER B 91 -24.53 11.58 -48.62
C SER B 91 -26.02 11.37 -48.90
N LEU B 92 -26.41 10.11 -48.98
CA LEU B 92 -27.81 9.75 -49.01
C LEU B 92 -28.63 10.32 -47.82
N GLN B 93 -28.01 10.51 -46.65
CA GLN B 93 -28.64 11.23 -45.55
C GLN B 93 -28.87 12.70 -45.88
N ASP B 94 -27.87 13.37 -46.45
CA ASP B 94 -28.04 14.78 -46.90
C ASP B 94 -29.22 14.92 -47.86
N ILE B 95 -29.38 13.93 -48.75
CA ILE B 95 -30.41 13.93 -49.78
C ILE B 95 -31.80 13.66 -49.20
N TYR B 96 -31.97 12.54 -48.49
CA TYR B 96 -33.27 12.13 -47.94
C TYR B 96 -33.88 13.09 -46.89
N GLN B 97 -33.03 13.88 -46.22
CA GLN B 97 -33.46 14.95 -45.31
C GLN B 97 -34.23 16.02 -46.05
N VAL B 98 -33.91 16.24 -47.34
CA VAL B 98 -34.70 17.06 -48.26
C VAL B 98 -35.76 16.24 -49.03
N THR B 99 -35.35 15.13 -49.61
CA THR B 99 -36.17 14.31 -50.49
C THR B 99 -37.29 13.52 -49.83
N GLY B 100 -37.18 13.18 -48.56
CA GLY B 100 -37.96 12.09 -47.99
C GLY B 100 -37.49 10.73 -48.41
N SER B 101 -38.27 9.69 -48.12
CA SER B 101 -37.79 8.31 -48.28
C SER B 101 -37.58 7.89 -49.75
N LEU B 102 -36.61 7.02 -49.96
CA LEU B 102 -36.32 6.51 -51.32
C LEU B 102 -37.33 5.43 -51.68
N SER B 103 -37.62 5.31 -52.97
CA SER B 103 -38.41 4.19 -53.49
C SER B 103 -37.63 2.86 -53.33
N GLU B 104 -38.37 1.75 -53.38
CA GLU B 104 -37.81 0.41 -53.30
C GLU B 104 -36.71 0.18 -54.32
N LEU B 105 -37.00 0.57 -55.58
CA LEU B 105 -36.03 0.45 -56.69
C LEU B 105 -34.72 1.25 -56.50
N GLN B 106 -34.86 2.49 -56.04
CA GLN B 106 -33.73 3.35 -55.71
C GLN B 106 -32.89 2.77 -54.59
N ILE B 107 -33.57 2.22 -53.58
CA ILE B 107 -32.89 1.48 -52.49
C ILE B 107 -32.22 0.21 -53.06
N SER B 108 -32.90 -0.51 -53.96
CA SER B 108 -32.31 -1.69 -54.57
C SER B 108 -31.00 -1.41 -55.34
N TYR B 109 -30.96 -0.31 -56.10
CA TYR B 109 -29.74 0.09 -56.85
C TYR B 109 -28.63 0.44 -55.88
N VAL B 110 -28.94 1.31 -54.90
CA VAL B 110 -28.02 1.68 -53.82
C VAL B 110 -27.44 0.43 -53.15
N CYS B 111 -28.28 -0.52 -52.75
CA CYS B 111 -27.81 -1.77 -52.09
C CYS B 111 -26.86 -2.63 -52.93
N ARG B 112 -27.13 -2.73 -54.22
CA ARG B 112 -26.26 -3.44 -55.13
C ARG B 112 -24.88 -2.76 -55.28
N GLU B 113 -24.88 -1.43 -55.42
CA GLU B 113 -23.64 -0.64 -55.57
C GLU B 113 -22.77 -0.70 -54.32
N VAL B 114 -23.42 -0.59 -53.16
CA VAL B 114 -22.75 -0.78 -51.85
C VAL B 114 -22.23 -2.21 -51.69
N LEU B 115 -23.07 -3.20 -52.01
CA LEU B 115 -22.61 -4.62 -52.04
C LEU B 115 -21.40 -4.86 -52.95
N GLN B 116 -21.35 -4.17 -54.09
CA GLN B 116 -20.21 -4.27 -55.04
C GLN B 116 -18.91 -3.72 -54.41
N GLY B 117 -19.01 -2.55 -53.76
CA GLY B 117 -17.93 -1.99 -52.95
C GLY B 117 -17.48 -2.86 -51.77
N LEU B 118 -18.45 -3.37 -51.01
CA LEU B 118 -18.18 -4.30 -49.87
C LEU B 118 -17.55 -5.61 -50.34
N ALA B 119 -18.04 -6.20 -51.43
CA ALA B 119 -17.42 -7.39 -52.05
C ALA B 119 -15.93 -7.18 -52.32
N TYR B 120 -15.63 -6.03 -52.93
CA TYR B 120 -14.27 -5.62 -53.23
C TYR B 120 -13.42 -5.47 -51.94
N LEU B 121 -13.89 -4.61 -51.02
CA LEU B 121 -13.29 -4.42 -49.69
C LEU B 121 -13.07 -5.73 -48.92
N HIS B 122 -14.05 -6.63 -48.95
CA HIS B 122 -13.93 -7.92 -48.24
C HIS B 122 -12.88 -8.88 -48.82
N SER B 123 -12.83 -8.98 -50.15
CA SER B 123 -11.76 -9.71 -50.88
C SER B 123 -10.33 -9.24 -50.56
N GLN B 124 -10.17 -7.96 -50.22
CA GLN B 124 -8.90 -7.42 -49.68
C GLN B 124 -8.65 -7.62 -48.17
N LYS B 125 -9.58 -8.31 -47.48
CA LYS B 125 -9.62 -8.45 -46.01
C LYS B 125 -9.70 -7.12 -45.24
N LYS B 126 -10.52 -6.21 -45.79
CA LYS B 126 -10.83 -4.93 -45.18
C LYS B 126 -12.30 -4.95 -44.79
N ILE B 127 -12.60 -4.30 -43.67
CA ILE B 127 -13.97 -4.18 -43.16
C ILE B 127 -14.26 -2.68 -43.12
N HIS B 128 -15.43 -2.30 -43.61
CA HIS B 128 -15.83 -0.86 -43.66
C HIS B 128 -16.12 -0.32 -42.25
N ARG B 129 -16.99 -1.01 -41.52
CA ARG B 129 -17.30 -0.78 -40.07
C ARG B 129 -18.39 0.27 -39.77
N ASP B 130 -18.56 1.29 -40.62
CA ASP B 130 -19.55 2.34 -40.47
C ASP B 130 -20.48 2.51 -41.67
N ILE B 131 -21.05 1.40 -42.15
CA ILE B 131 -22.03 1.43 -43.26
C ILE B 131 -23.35 2.08 -42.79
N LYS B 132 -23.58 3.29 -43.28
CA LYS B 132 -24.80 4.02 -43.02
C LYS B 132 -25.05 5.05 -44.12
N GLY B 133 -26.27 5.59 -44.17
CA GLY B 133 -26.64 6.64 -45.15
C GLY B 133 -25.63 7.78 -45.32
N ALA B 134 -25.13 8.24 -44.16
CA ALA B 134 -24.16 9.33 -44.05
C ALA B 134 -22.82 9.06 -44.70
N ASN B 135 -22.45 7.79 -44.89
CA ASN B 135 -21.21 7.40 -45.58
C ASN B 135 -21.40 6.78 -46.99
N ILE B 136 -22.60 6.88 -47.56
CA ILE B 136 -22.86 6.45 -48.93
C ILE B 136 -23.07 7.75 -49.68
N LEU B 137 -22.07 8.12 -50.47
CA LEU B 137 -22.04 9.38 -51.19
C LEU B 137 -22.47 9.21 -52.65
N ILE B 138 -23.04 10.27 -53.21
CA ILE B 138 -23.63 10.28 -54.53
C ILE B 138 -23.02 11.43 -55.33
N ASN B 139 -22.46 11.11 -56.49
CA ASN B 139 -21.96 12.13 -57.43
C ASN B 139 -23.10 12.63 -58.32
N ASP B 140 -22.80 13.67 -59.09
CA ASP B 140 -23.76 14.29 -59.98
C ASP B 140 -24.26 13.37 -61.11
N ALA B 141 -23.48 12.34 -61.45
CA ALA B 141 -23.89 11.26 -62.37
C ALA B 141 -24.77 10.15 -61.75
N GLY B 142 -25.19 10.30 -60.49
CA GLY B 142 -25.98 9.28 -59.79
C GLY B 142 -25.25 7.99 -59.46
N GLU B 143 -23.93 8.05 -59.32
CA GLU B 143 -23.15 6.86 -58.92
C GLU B 143 -22.86 6.89 -57.43
N VAL B 144 -22.63 5.69 -56.88
CA VAL B 144 -22.58 5.45 -55.45
C VAL B 144 -21.14 5.17 -55.04
N ARG B 145 -20.67 5.89 -54.04
CA ARG B 145 -19.31 5.83 -53.48
C ARG B 145 -19.38 5.71 -51.95
N LEU B 146 -18.85 4.62 -51.38
CA LEU B 146 -18.61 4.50 -49.93
C LEU B 146 -17.43 5.39 -49.54
N ALA B 147 -17.60 6.17 -48.48
CA ALA B 147 -16.58 7.14 -47.99
C ALA B 147 -15.69 6.47 -46.95
N ASP B 148 -14.55 7.13 -46.71
CA ASP B 148 -13.39 6.55 -45.94
C ASP B 148 -13.77 5.97 -44.59
N PHE B 149 -13.06 4.91 -44.21
CA PHE B 149 -13.56 3.99 -43.19
C PHE B 149 -12.54 3.72 -42.11
N SER B 152 -8.83 9.08 -38.19
CA SER B 152 -10.10 9.81 -38.01
C SER B 152 -10.87 9.27 -36.81
N ALA B 153 -11.40 8.05 -36.96
CA ALA B 153 -11.78 7.16 -35.83
C ALA B 153 -10.60 6.89 -34.91
N GLN B 154 -9.44 6.53 -35.49
CA GLN B 154 -8.22 6.18 -34.76
C GLN B 154 -7.28 7.36 -34.43
N ILE B 155 -7.83 8.53 -34.12
CA ILE B 155 -7.03 9.73 -33.87
C ILE B 155 -7.76 10.76 -33.01
N GLY B 156 -7.01 11.44 -32.14
CA GLY B 156 -7.49 12.60 -31.38
C GLY B 156 -8.43 12.28 -30.23
N ALA B 157 -9.34 13.22 -29.99
CA ALA B 157 -10.40 13.07 -28.99
C ALA B 157 -11.38 11.91 -29.21
N THR B 158 -11.58 11.52 -30.48
CA THR B 158 -12.42 10.37 -30.87
C THR B 158 -11.92 9.04 -30.29
N LEU B 159 -10.63 8.77 -30.45
CA LEU B 159 -10.00 7.59 -29.83
C LEU B 159 -9.80 7.73 -28.32
N ALA B 160 -9.68 8.96 -27.83
CA ALA B 160 -9.53 9.19 -26.38
C ALA B 160 -10.71 8.72 -25.50
N ILE B 166 -12.55 1.67 -22.96
CA ILE B 166 -12.54 0.28 -22.52
C ILE B 166 -11.69 0.11 -21.22
N GLY B 167 -10.55 0.80 -21.17
CA GLY B 167 -9.71 0.87 -19.98
C GLY B 167 -8.80 2.06 -20.11
N THR B 168 -7.56 1.90 -19.68
CA THR B 168 -6.49 2.89 -19.93
C THR B 168 -5.43 2.12 -20.72
N PRO B 169 -4.99 2.64 -21.91
CA PRO B 169 -4.21 1.85 -22.93
C PRO B 169 -2.95 1.16 -22.42
N TYR B 170 -2.15 1.90 -21.67
CA TYR B 170 -0.85 1.40 -21.13
C TYR B 170 -0.99 0.17 -20.20
N TRP B 171 -2.12 0.10 -19.48
CA TRP B 171 -2.43 -1.01 -18.58
C TRP B 171 -3.20 -2.17 -19.19
N MET B 172 -3.62 -2.05 -20.47
CA MET B 172 -4.43 -3.09 -21.07
C MET B 172 -3.58 -4.28 -21.50
N ALA B 173 -4.14 -5.48 -21.38
CA ALA B 173 -3.52 -6.68 -21.91
C ALA B 173 -3.58 -6.76 -23.45
N PRO B 174 -2.79 -7.68 -24.07
CA PRO B 174 -2.76 -7.74 -25.53
C PRO B 174 -4.09 -8.08 -26.19
N GLU B 175 -4.77 -9.11 -25.67
CA GLU B 175 -6.11 -9.49 -26.12
C GLU B 175 -7.14 -8.33 -26.08
N VAL B 176 -7.01 -7.45 -25.09
CA VAL B 176 -7.90 -6.28 -24.95
C VAL B 176 -7.52 -5.30 -26.05
N ALA B 177 -6.23 -4.96 -26.12
CA ALA B 177 -5.66 -4.12 -27.20
C ALA B 177 -6.15 -4.54 -28.60
N ALA B 178 -6.12 -5.83 -28.89
CA ALA B 178 -6.56 -6.39 -30.17
C ALA B 178 -8.04 -6.05 -30.49
N VAL B 179 -8.88 -6.26 -29.48
CA VAL B 179 -10.28 -5.90 -29.53
C VAL B 179 -10.44 -4.37 -29.61
N ALA B 180 -9.67 -3.62 -28.84
CA ALA B 180 -9.77 -2.17 -28.84
C ALA B 180 -9.48 -1.51 -30.19
N LEU B 181 -8.57 -2.10 -30.97
CA LEU B 181 -8.15 -1.61 -32.27
C LEU B 181 -9.07 -2.02 -33.41
N LYS B 182 -9.46 -3.30 -33.41
CA LYS B 182 -10.22 -3.94 -34.49
C LYS B 182 -11.61 -4.51 -34.13
N GLY B 183 -11.83 -4.90 -32.88
CA GLY B 183 -13.10 -5.49 -32.43
C GLY B 183 -13.24 -7.00 -32.58
N CYS B 184 -12.24 -7.67 -33.16
CA CYS B 184 -12.24 -9.15 -33.32
C CYS B 184 -13.29 -9.77 -34.24
N TYR B 185 -14.13 -8.93 -34.83
CA TYR B 185 -15.37 -9.33 -35.49
C TYR B 185 -15.10 -9.25 -37.00
N ASN B 186 -16.02 -9.82 -37.77
CA ASN B 186 -15.79 -10.17 -39.16
C ASN B 186 -16.39 -9.17 -40.17
N GLU B 187 -16.05 -9.39 -41.43
CA GLU B 187 -16.56 -8.64 -42.57
C GLU B 187 -18.10 -8.61 -42.71
N LEU B 188 -18.74 -9.70 -42.28
CA LEU B 188 -20.19 -9.84 -42.30
C LEU B 188 -20.95 -8.83 -41.40
N CYS B 189 -20.27 -8.13 -40.49
CA CYS B 189 -20.86 -6.95 -39.81
C CYS B 189 -21.34 -5.83 -40.75
N ASP B 190 -20.63 -5.63 -41.86
CA ASP B 190 -21.03 -4.64 -42.88
C ASP B 190 -22.34 -5.01 -43.58
N ILE B 191 -22.55 -6.33 -43.78
CA ILE B 191 -23.76 -6.87 -44.40
C ILE B 191 -24.97 -6.53 -43.53
N TRP B 192 -24.86 -6.78 -42.20
CA TRP B 192 -25.87 -6.34 -41.21
C TRP B 192 -26.14 -4.84 -41.30
N SER B 193 -25.09 -4.03 -41.29
CA SER B 193 -25.21 -2.56 -41.35
C SER B 193 -25.92 -2.04 -42.62
N LEU B 194 -25.72 -2.73 -43.74
CA LEU B 194 -26.43 -2.44 -44.97
C LEU B 194 -27.93 -2.65 -44.85
N GLY B 195 -28.32 -3.80 -44.28
CA GLY B 195 -29.73 -4.08 -43.93
C GLY B 195 -30.41 -2.99 -43.09
N ILE B 196 -29.68 -2.43 -42.13
CA ILE B 196 -30.17 -1.27 -41.35
C ILE B 196 -30.28 -0.02 -42.25
N THR B 197 -29.25 0.21 -43.08
CA THR B 197 -29.22 1.31 -44.07
C THR B 197 -30.41 1.27 -45.04
N ALA B 198 -30.79 0.08 -45.51
CA ALA B 198 -31.91 -0.06 -46.42
C ALA B 198 -33.24 0.32 -45.72
N ILE B 199 -33.37 0.01 -44.42
CA ILE B 199 -34.53 0.45 -43.61
C ILE B 199 -34.51 1.98 -43.43
N GLU B 200 -33.35 2.50 -43.11
CA GLU B 200 -33.08 3.95 -42.94
C GLU B 200 -33.50 4.75 -44.17
N LEU B 201 -33.13 4.27 -45.35
CA LEU B 201 -33.47 4.88 -46.63
C LEU B 201 -34.96 4.77 -46.91
N ALA B 202 -35.53 3.63 -46.52
CA ALA B 202 -36.98 3.40 -46.58
C ALA B 202 -37.78 4.26 -45.63
N GLU B 203 -37.26 4.60 -44.46
CA GLU B 203 -38.03 5.23 -43.33
C GLU B 203 -37.51 6.56 -42.77
N LEU B 204 -36.36 7.05 -43.25
CA LEU B 204 -35.65 8.28 -42.77
C LEU B 204 -34.95 8.23 -41.39
N GLN B 205 -34.90 7.03 -40.80
CA GLN B 205 -34.32 6.78 -39.48
C GLN B 205 -34.03 5.28 -39.44
N PRO B 206 -32.96 4.86 -38.76
CA PRO B 206 -32.78 3.41 -38.58
C PRO B 206 -33.75 2.92 -37.48
N PRO B 207 -33.94 1.60 -37.36
CA PRO B 207 -34.71 1.08 -36.24
C PRO B 207 -34.14 1.59 -34.92
N LEU B 208 -35.06 1.89 -33.99
CA LEU B 208 -34.73 2.25 -32.62
C LEU B 208 -33.99 3.59 -32.41
N PHE B 209 -34.08 4.51 -33.38
N PHE B 209 -34.10 4.50 -33.38
CA PHE B 209 -33.42 5.84 -33.31
CA PHE B 209 -33.45 5.82 -33.34
C PHE B 209 -33.92 6.72 -32.16
C PHE B 209 -33.93 6.71 -32.17
N ASP B 210 -35.14 6.47 -31.68
CA ASP B 210 -35.70 7.12 -30.49
C ASP B 210 -35.36 6.42 -29.15
N VAL B 211 -34.78 5.21 -29.22
CA VAL B 211 -34.25 4.45 -28.06
C VAL B 211 -32.76 4.84 -27.77
N HIS B 212 -32.36 4.84 -26.49
CA HIS B 212 -30.99 5.21 -26.09
C HIS B 212 -29.93 4.19 -26.63
N PRO B 213 -28.80 4.66 -27.23
CA PRO B 213 -27.86 3.74 -27.94
C PRO B 213 -27.40 2.53 -27.12
N LEU B 214 -27.06 2.76 -25.87
CA LEU B 214 -26.69 1.69 -24.95
C LEU B 214 -27.73 0.62 -24.71
N ARG B 215 -28.99 1.02 -24.65
CA ARG B 215 -30.10 0.07 -24.52
C ARG B 215 -30.26 -0.73 -25.82
N VAL B 216 -30.11 -0.06 -26.96
CA VAL B 216 -30.13 -0.73 -28.26
C VAL B 216 -29.08 -1.85 -28.27
N LEU B 217 -27.85 -1.54 -27.87
CA LEU B 217 -26.77 -2.53 -27.87
C LEU B 217 -27.02 -3.64 -26.88
N PHE B 218 -27.41 -3.29 -25.66
CA PHE B 218 -27.77 -4.27 -24.63
C PHE B 218 -28.77 -5.32 -25.10
N LEU B 219 -29.86 -4.86 -25.70
CA LEU B 219 -30.95 -5.73 -26.15
C LEU B 219 -30.55 -6.75 -27.22
N MET B 220 -29.64 -6.34 -28.13
CA MET B 220 -29.03 -7.23 -29.15
C MET B 220 -28.31 -8.47 -28.57
N THR B 221 -27.82 -8.37 -27.33
CA THR B 221 -27.14 -9.47 -26.64
C THR B 221 -28.08 -10.42 -25.88
N LYS B 222 -29.35 -10.02 -25.70
CA LYS B 222 -30.29 -10.78 -24.89
C LYS B 222 -30.93 -11.91 -25.71
N SER B 223 -31.24 -13.00 -25.01
CA SER B 223 -31.92 -14.16 -25.58
C SER B 223 -33.38 -13.79 -25.85
N GLY B 224 -33.87 -14.23 -27.01
CA GLY B 224 -35.15 -13.80 -27.57
C GLY B 224 -35.11 -12.47 -28.32
N TYR B 225 -33.91 -11.98 -28.65
CA TYR B 225 -33.77 -10.78 -29.49
C TYR B 225 -34.30 -11.06 -30.89
N GLN B 226 -34.97 -10.05 -31.45
CA GLN B 226 -35.60 -10.12 -32.75
C GLN B 226 -34.93 -9.05 -33.58
N PRO B 227 -34.34 -9.43 -34.75
CA PRO B 227 -33.82 -8.38 -35.61
C PRO B 227 -34.94 -7.49 -36.13
N PRO B 228 -34.64 -6.20 -36.43
CA PRO B 228 -35.66 -5.30 -36.93
C PRO B 228 -36.19 -5.68 -38.30
N ARG B 229 -37.29 -5.02 -38.66
CA ARG B 229 -37.99 -5.18 -39.92
C ARG B 229 -38.49 -3.83 -40.40
N LEU B 230 -38.91 -3.77 -41.67
CA LEU B 230 -39.66 -2.64 -42.20
C LEU B 230 -41.01 -2.53 -41.47
N LYS B 231 -41.39 -1.29 -41.16
CA LYS B 231 -42.57 -1.00 -40.38
C LYS B 231 -43.89 -1.25 -41.13
N GLU B 232 -43.97 -0.86 -42.40
CA GLU B 232 -45.18 -1.03 -43.24
C GLU B 232 -45.00 -2.27 -44.10
N LYS B 233 -45.87 -3.27 -43.96
CA LYS B 233 -45.74 -4.54 -44.68
C LYS B 233 -46.06 -4.38 -46.19
N GLY B 234 -47.20 -3.79 -46.49
CA GLY B 234 -47.75 -3.72 -47.86
C GLY B 234 -47.07 -2.76 -48.81
N LYS B 235 -46.38 -1.74 -48.27
CA LYS B 235 -45.56 -0.81 -49.08
C LYS B 235 -44.41 -1.46 -49.88
N TRP B 236 -43.84 -2.57 -49.39
CA TRP B 236 -42.66 -3.19 -50.00
C TRP B 236 -42.94 -4.60 -50.50
N SER B 237 -42.18 -5.00 -51.52
CA SER B 237 -42.22 -6.36 -52.07
C SER B 237 -41.71 -7.39 -51.07
N ALA B 238 -42.19 -8.63 -51.22
CA ALA B 238 -41.67 -9.82 -50.52
C ALA B 238 -40.15 -10.01 -50.69
N ALA B 239 -39.65 -9.62 -51.87
CA ALA B 239 -38.22 -9.62 -52.15
C ALA B 239 -37.45 -8.67 -51.23
N PHE B 240 -37.96 -7.45 -51.05
CA PHE B 240 -37.33 -6.47 -50.17
C PHE B 240 -37.43 -6.90 -48.70
N HIS B 241 -38.60 -7.37 -48.25
CA HIS B 241 -38.71 -7.98 -46.89
C HIS B 241 -37.76 -9.16 -46.67
N ASN B 242 -37.50 -9.94 -47.72
CA ASN B 242 -36.50 -11.03 -47.67
C ASN B 242 -35.07 -10.50 -47.56
N PHE B 243 -34.71 -9.53 -48.41
CA PHE B 243 -33.40 -8.82 -48.35
C PHE B 243 -33.06 -8.37 -46.93
N ILE B 244 -34.04 -7.74 -46.28
CA ILE B 244 -33.90 -7.29 -44.89
C ILE B 244 -33.82 -8.48 -43.91
N LYS B 245 -34.68 -9.48 -44.05
CA LYS B 245 -34.61 -10.69 -43.19
C LYS B 245 -33.20 -11.32 -43.20
N VAL B 246 -32.64 -11.43 -44.38
CA VAL B 246 -31.46 -12.25 -44.63
C VAL B 246 -30.19 -11.45 -44.24
N THR B 247 -30.11 -10.17 -44.63
CA THR B 247 -28.98 -9.31 -44.20
C THR B 247 -28.91 -9.13 -42.68
N LEU B 248 -30.09 -8.99 -42.04
CA LEU B 248 -30.19 -8.88 -40.60
C LEU B 248 -30.35 -10.24 -39.89
N THR B 249 -29.56 -11.22 -40.33
CA THR B 249 -29.40 -12.49 -39.59
C THR B 249 -28.60 -12.19 -38.31
N LYS B 250 -29.05 -12.75 -37.18
CA LYS B 250 -28.46 -12.52 -35.84
C LYS B 250 -27.04 -13.08 -35.80
N SER B 251 -26.88 -14.33 -36.20
CA SER B 251 -25.58 -15.01 -36.23
C SER B 251 -24.73 -14.53 -37.41
N PRO B 252 -23.45 -14.16 -37.17
CA PRO B 252 -22.51 -14.04 -38.32
C PRO B 252 -22.30 -15.34 -39.13
N LYS B 253 -22.31 -16.49 -38.46
CA LYS B 253 -22.17 -17.80 -39.12
C LYS B 253 -23.23 -18.08 -40.22
N LYS B 254 -24.45 -17.59 -40.02
CA LYS B 254 -25.55 -17.77 -40.97
C LYS B 254 -25.88 -16.55 -41.86
N ARG B 255 -25.30 -15.37 -41.56
CA ARG B 255 -25.46 -14.18 -42.38
C ARG B 255 -24.68 -14.32 -43.70
N PRO B 256 -25.33 -14.07 -44.85
CA PRO B 256 -24.62 -14.26 -46.10
C PRO B 256 -23.61 -13.14 -46.40
N SER B 257 -22.67 -13.48 -47.26
CA SER B 257 -21.59 -12.61 -47.68
C SER B 257 -22.04 -11.58 -48.69
N ALA B 258 -21.17 -10.62 -48.99
CA ALA B 258 -21.44 -9.57 -49.97
C ALA B 258 -21.68 -10.12 -51.35
N THR B 259 -20.81 -11.04 -51.80
CA THR B 259 -20.98 -11.70 -53.11
C THR B 259 -22.23 -12.59 -53.18
N LYS B 260 -22.51 -13.35 -52.12
CA LYS B 260 -23.81 -14.07 -52.01
C LYS B 260 -25.04 -13.13 -52.07
N MET B 261 -24.94 -11.96 -51.43
CA MET B 261 -25.98 -10.95 -51.50
C MET B 261 -26.19 -10.34 -52.88
N LEU B 262 -25.13 -10.24 -53.69
CA LEU B 262 -25.28 -9.79 -55.10
C LEU B 262 -26.14 -10.74 -55.98
N SER B 263 -26.30 -12.01 -55.57
CA SER B 263 -27.26 -12.95 -56.17
C SER B 263 -28.71 -12.85 -55.71
N HIS B 264 -29.01 -11.96 -54.78
CA HIS B 264 -30.36 -11.82 -54.24
C HIS B 264 -31.23 -11.09 -55.27
N GLN B 265 -32.50 -11.52 -55.40
CA GLN B 265 -33.44 -11.00 -56.42
C GLN B 265 -33.49 -9.48 -56.45
N LEU B 266 -33.65 -8.89 -55.26
CA LEU B 266 -33.67 -7.44 -55.08
C LEU B 266 -32.57 -6.66 -55.79
N VAL B 267 -31.32 -7.13 -55.68
CA VAL B 267 -30.15 -6.44 -56.29
C VAL B 267 -29.74 -6.96 -57.68
N SER B 268 -30.11 -8.20 -58.02
CA SER B 268 -29.79 -8.80 -59.32
C SER B 268 -30.83 -8.53 -60.43
N GLN B 269 -31.98 -7.98 -60.06
CA GLN B 269 -33.06 -7.67 -61.01
C GLN B 269 -32.65 -6.65 -62.08
N PRO B 270 -33.21 -6.76 -63.29
CA PRO B 270 -32.78 -5.88 -64.36
C PRO B 270 -33.42 -4.48 -64.21
N GLY B 271 -32.82 -3.52 -64.89
CA GLY B 271 -33.26 -2.13 -64.86
C GLY B 271 -32.79 -1.30 -63.68
N LEU B 272 -31.85 -1.81 -62.88
CA LEU B 272 -31.20 -1.04 -61.83
C LEU B 272 -29.99 -0.32 -62.42
N ASN B 273 -30.03 1.00 -62.35
CA ASN B 273 -28.98 1.87 -62.86
C ASN B 273 -29.06 3.27 -62.24
N ARG B 274 -28.05 4.09 -62.51
CA ARG B 274 -27.94 5.46 -61.97
C ARG B 274 -29.07 6.41 -62.31
N GLY B 275 -29.82 6.14 -63.38
CA GLY B 275 -31.06 6.88 -63.67
C GLY B 275 -32.02 7.02 -62.50
N LEU B 276 -32.21 5.92 -61.76
CA LEU B 276 -33.02 5.94 -60.50
C LEU B 276 -32.60 7.05 -59.51
N ILE B 277 -31.28 7.24 -59.37
CA ILE B 277 -30.71 8.33 -58.56
C ILE B 277 -30.76 9.70 -59.25
N LEU B 278 -30.61 9.75 -60.58
CA LEU B 278 -30.85 11.00 -61.33
C LEU B 278 -32.25 11.55 -61.11
N ASP B 279 -33.24 10.68 -60.95
CA ASP B 279 -34.60 11.09 -60.55
C ASP B 279 -34.60 11.68 -59.16
N LEU B 280 -33.92 10.98 -58.25
CA LEU B 280 -33.73 11.45 -56.90
C LEU B 280 -33.12 12.84 -56.80
N LEU B 281 -32.04 13.07 -57.52
CA LEU B 281 -31.36 14.37 -57.50
C LEU B 281 -32.13 15.49 -58.20
N ASP B 282 -32.94 15.13 -59.21
CA ASP B 282 -33.92 16.06 -59.77
C ASP B 282 -35.00 16.46 -58.72
N LYS B 283 -35.47 15.49 -57.95
CA LYS B 283 -36.45 15.74 -56.88
C LYS B 283 -35.87 16.64 -55.77
N LEU B 284 -34.61 16.44 -55.41
CA LEU B 284 -33.83 17.32 -54.50
C LEU B 284 -33.89 18.78 -54.94
N LYS B 285 -33.54 19.03 -56.20
CA LYS B 285 -33.53 20.38 -56.76
C LYS B 285 -34.92 21.02 -56.88
N ASN B 286 -35.96 20.19 -57.02
CA ASN B 286 -37.36 20.62 -57.20
C ASN B 286 -38.31 19.93 -56.18
N PRO B 287 -38.12 20.19 -54.85
CA PRO B 287 -38.77 19.38 -53.79
C PRO B 287 -40.23 19.73 -53.48
N ILE C 1 10.03 -9.82 53.14
CA ILE C 1 10.13 -11.09 52.33
C ILE C 1 10.54 -12.31 53.18
N PHE C 2 9.69 -13.35 53.17
CA PHE C 2 9.88 -14.56 53.99
C PHE C 2 10.68 -15.63 53.27
N ASN C 3 11.17 -16.60 54.03
CA ASN C 3 12.38 -17.36 53.68
C ASN C 3 12.25 -18.84 54.03
N ARG C 4 11.16 -19.44 53.59
CA ARG C 4 10.74 -20.80 53.96
C ARG C 4 9.83 -21.35 52.85
N ASP C 5 9.55 -22.66 52.90
CA ASP C 5 8.63 -23.32 51.96
C ASP C 5 7.19 -22.80 52.19
N PRO C 6 6.56 -22.15 51.16
CA PRO C 6 5.15 -21.72 51.31
C PRO C 6 4.11 -22.84 51.46
N ARG C 7 4.45 -24.08 51.08
CA ARG C 7 3.67 -25.29 51.41
C ARG C 7 3.41 -25.51 52.91
N ASP C 8 4.31 -24.99 53.76
CA ASP C 8 4.08 -24.89 55.24
C ASP C 8 2.80 -24.14 55.58
N HIS C 9 2.58 -23.00 54.93
CA HIS C 9 1.41 -22.13 55.15
C HIS C 9 0.23 -22.29 54.13
N TYR C 10 0.44 -22.99 53.00
CA TYR C 10 -0.57 -23.09 51.89
C TYR C 10 -0.66 -24.47 51.22
N ASP C 11 -1.83 -24.81 50.70
CA ASP C 11 -2.05 -26.05 49.95
C ASP C 11 -2.29 -25.71 48.47
N LEU C 12 -1.38 -26.16 47.59
CA LEU C 12 -1.53 -26.03 46.12
C LEU C 12 -2.77 -26.80 45.62
N LEU C 13 -3.43 -26.26 44.61
CA LEU C 13 -4.69 -26.81 44.08
C LEU C 13 -4.69 -27.06 42.55
N GLN C 14 -4.28 -26.06 41.75
CA GLN C 14 -4.06 -26.23 40.31
C GLN C 14 -3.19 -25.14 39.65
N ARG C 15 -2.41 -25.55 38.64
CA ARG C 15 -1.76 -24.64 37.68
C ARG C 15 -2.81 -23.93 36.83
N LEU C 16 -2.50 -22.68 36.46
CA LEU C 16 -3.35 -21.86 35.61
C LEU C 16 -2.66 -21.65 34.25
N GLY C 17 -1.47 -21.02 34.28
CA GLY C 17 -0.70 -20.65 33.08
C GLY C 17 0.26 -19.52 33.43
N GLY C 18 0.11 -18.36 32.78
CA GLY C 18 0.78 -17.11 33.20
C GLY C 18 2.29 -17.05 32.97
N GLU C 23 3.90 -20.22 35.50
CA GLU C 23 3.43 -21.07 36.60
C GLU C 23 2.85 -20.27 37.78
N VAL C 24 1.57 -19.91 37.62
CA VAL C 24 0.75 -19.28 38.64
C VAL C 24 -0.19 -20.36 39.12
N PHE C 25 -0.45 -20.36 40.43
CA PHE C 25 -1.15 -21.48 41.09
C PHE C 25 -2.39 -21.00 41.82
N LYS C 26 -3.46 -21.78 41.69
CA LYS C 26 -4.58 -21.72 42.64
C LYS C 26 -4.13 -22.42 43.92
N ALA C 27 -4.39 -21.82 45.08
CA ALA C 27 -4.07 -22.43 46.39
C ALA C 27 -4.96 -21.93 47.54
N ARG C 28 -5.00 -22.64 48.66
CA ARG C 28 -5.76 -22.25 49.87
C ARG C 28 -4.84 -22.17 51.10
N ASP C 29 -5.11 -21.16 51.94
CA ASP C 29 -4.45 -20.98 53.23
C ASP C 29 -4.93 -22.13 54.14
N LYS C 30 -3.99 -22.87 54.70
CA LYS C 30 -4.30 -24.00 55.61
C LYS C 30 -4.96 -23.55 56.93
N VAL C 31 -4.59 -22.36 57.42
CA VAL C 31 -5.08 -21.81 58.70
C VAL C 31 -6.31 -20.90 58.53
N SER C 32 -6.15 -19.86 57.71
CA SER C 32 -7.18 -18.85 57.45
C SER C 32 -8.39 -19.31 56.62
N GLY C 33 -8.22 -20.34 55.79
CA GLY C 33 -9.27 -20.81 54.86
C GLY C 33 -9.45 -20.03 53.57
N ASP C 34 -8.68 -18.94 53.38
CA ASP C 34 -8.82 -18.07 52.23
C ASP C 34 -8.11 -18.70 51.04
N LEU C 35 -8.74 -18.59 49.86
CA LEU C 35 -8.09 -18.94 48.59
C LEU C 35 -7.07 -17.85 48.25
N VAL C 36 -5.93 -18.26 47.72
CA VAL C 36 -4.87 -17.37 47.28
C VAL C 36 -4.35 -17.76 45.91
N ALA C 37 -3.70 -16.80 45.28
CA ALA C 37 -2.90 -16.98 44.08
C ALA C 37 -1.43 -16.93 44.46
N LEU C 38 -0.66 -17.94 44.03
CA LEU C 38 0.79 -18.01 44.22
C LEU C 38 1.49 -17.89 42.85
N LYS C 39 2.08 -16.72 42.58
CA LYS C 39 2.93 -16.48 41.39
C LYS C 39 4.35 -16.99 41.74
N MET C 40 4.80 -18.03 41.04
CA MET C 40 6.10 -18.68 41.25
C MET C 40 7.09 -18.25 40.16
N VAL C 41 8.37 -18.07 40.54
CA VAL C 41 9.46 -17.67 39.62
C VAL C 41 10.71 -18.49 39.93
N LYS C 42 11.25 -19.19 38.92
CA LYS C 42 12.54 -19.91 39.07
C LYS C 42 13.67 -18.90 39.16
N MET C 43 14.74 -19.26 39.89
CA MET C 43 15.91 -18.37 40.11
C MET C 43 17.21 -19.19 40.11
N GLU C 44 17.84 -19.28 38.94
CA GLU C 44 19.01 -20.17 38.75
C GLU C 44 20.35 -19.51 39.16
N PRO C 45 21.02 -18.77 38.25
CA PRO C 45 22.46 -18.51 38.45
C PRO C 45 22.78 -17.33 39.41
N ASP C 46 22.61 -16.10 38.94
CA ASP C 46 22.93 -14.87 39.68
C ASP C 46 21.76 -13.87 39.63
N ASP C 47 20.55 -14.36 39.90
CA ASP C 47 19.42 -13.51 40.29
C ASP C 47 19.57 -13.13 41.76
N ASP C 48 19.21 -11.89 42.08
CA ASP C 48 19.25 -11.40 43.44
C ASP C 48 17.86 -10.94 43.83
N VAL C 49 17.25 -11.61 44.79
CA VAL C 49 15.96 -11.18 45.38
C VAL C 49 16.09 -9.82 46.08
N SER C 50 17.23 -9.55 46.73
CA SER C 50 17.44 -8.29 47.44
C SER C 50 17.38 -6.98 46.59
N THR C 51 17.49 -7.11 45.27
CA THR C 51 17.23 -5.98 44.33
C THR C 51 15.75 -5.72 44.04
N LEU C 52 14.87 -6.67 44.38
CA LEU C 52 13.39 -6.50 44.29
C LEU C 52 12.72 -5.97 45.59
N GLN C 53 13.52 -5.58 46.59
CA GLN C 53 13.00 -5.12 47.89
C GLN C 53 12.35 -3.72 47.86
N LYS C 54 12.90 -2.82 47.05
CA LYS C 54 12.28 -1.51 46.81
C LYS C 54 10.92 -1.62 46.06
N GLU C 55 10.79 -2.60 45.16
CA GLU C 55 9.54 -2.88 44.41
C GLU C 55 8.50 -3.72 45.17
N ILE C 56 8.95 -4.58 46.08
CA ILE C 56 8.06 -5.30 47.04
C ILE C 56 7.47 -4.35 48.10
N LEU C 57 8.28 -3.41 48.61
CA LEU C 57 7.84 -2.36 49.56
C LEU C 57 6.84 -1.36 48.96
N ILE C 58 6.95 -1.11 47.64
CA ILE C 58 5.92 -0.42 46.85
C ILE C 58 4.60 -1.21 46.82
N LEU C 59 4.70 -2.51 46.54
CA LEU C 59 3.54 -3.42 46.47
C LEU C 59 2.87 -3.73 47.83
N LYS C 60 3.66 -3.77 48.90
CA LYS C 60 3.16 -4.01 50.27
C LYS C 60 2.35 -2.81 50.82
N THR C 61 2.91 -1.60 50.70
CA THR C 61 2.22 -0.37 51.17
C THR C 61 0.97 0.02 50.36
N CYS C 62 0.81 -0.54 49.15
CA CYS C 62 -0.45 -0.46 48.38
C CYS C 62 -1.59 -1.23 49.07
N ARG C 63 -2.50 -0.45 49.67
CA ARG C 63 -3.68 -0.99 50.36
C ARG C 63 -4.93 -0.28 49.80
N HIS C 64 -5.50 -0.85 48.72
CA HIS C 64 -6.69 -0.30 48.05
C HIS C 64 -7.58 -1.41 47.52
N ALA C 65 -8.88 -1.17 47.52
CA ALA C 65 -9.87 -2.16 47.05
C ALA C 65 -9.67 -2.54 45.56
N ASN C 66 -9.26 -1.59 44.74
CA ASN C 66 -8.97 -1.84 43.30
C ASN C 66 -7.55 -2.26 42.90
N ILE C 67 -6.76 -2.68 43.89
CA ILE C 67 -5.41 -3.22 43.71
C ILE C 67 -5.45 -4.66 44.27
N VAL C 68 -4.85 -5.62 43.57
CA VAL C 68 -4.70 -7.00 44.09
C VAL C 68 -3.91 -6.86 45.38
N ALA C 69 -4.44 -7.39 46.48
CA ALA C 69 -3.75 -7.37 47.76
C ALA C 69 -2.48 -8.22 47.69
N TYR C 70 -1.37 -7.66 48.19
CA TYR C 70 -0.11 -8.37 48.37
C TYR C 70 -0.14 -8.94 49.77
N HIS C 71 0.25 -10.20 49.88
CA HIS C 71 0.32 -10.90 51.19
C HIS C 71 1.71 -11.31 51.70
N GLY C 72 2.75 -11.16 50.87
CA GLY C 72 4.12 -11.57 51.24
C GLY C 72 4.72 -12.51 50.20
N SER C 73 6.05 -12.59 50.18
CA SER C 73 6.79 -13.47 49.26
C SER C 73 7.61 -14.52 50.04
N TYR C 74 7.89 -15.64 49.36
CA TYR C 74 8.59 -16.79 49.93
C TYR C 74 9.76 -17.21 49.01
N LEU C 75 11.00 -17.03 49.48
CA LEU C 75 12.18 -17.59 48.81
C LEU C 75 12.49 -18.97 49.40
N TRP C 76 12.52 -20.01 48.57
CA TRP C 76 12.80 -21.38 49.00
C TRP C 76 13.10 -22.28 47.80
N LEU C 77 14.18 -23.08 47.91
CA LEU C 77 14.63 -24.01 46.85
C LEU C 77 14.80 -23.31 45.47
N GLN C 78 15.50 -22.16 45.52
CA GLN C 78 15.82 -21.35 44.35
C GLN C 78 14.58 -20.85 43.57
N LYS C 79 13.51 -20.56 44.32
CA LYS C 79 12.19 -20.17 43.78
C LYS C 79 11.58 -19.05 44.60
N LEU C 80 10.98 -18.06 43.94
CA LEU C 80 10.30 -16.93 44.59
C LEU C 80 8.79 -17.08 44.36
N TRP C 81 8.07 -17.42 45.42
CA TRP C 81 6.61 -17.53 45.40
C TRP C 81 6.03 -16.24 45.96
N ILE C 82 5.38 -15.46 45.09
CA ILE C 82 4.65 -14.23 45.46
C ILE C 82 3.19 -14.63 45.71
N CYS C 83 2.73 -14.45 46.95
CA CYS C 83 1.38 -14.81 47.37
C CYS C 83 0.45 -13.62 47.26
N MET C 84 -0.77 -13.86 46.79
CA MET C 84 -1.69 -12.79 46.36
C MET C 84 -3.18 -13.14 46.48
N GLU C 85 -3.97 -12.07 46.60
CA GLU C 85 -5.44 -12.13 46.50
C GLU C 85 -5.88 -12.88 45.24
N PHE C 86 -6.73 -13.90 45.40
CA PHE C 86 -7.23 -14.73 44.29
C PHE C 86 -8.42 -14.05 43.60
N CYS C 87 -8.35 -13.97 42.27
CA CYS C 87 -9.44 -13.42 41.42
C CYS C 87 -9.88 -14.54 40.47
N GLY C 88 -10.91 -15.27 40.88
CA GLY C 88 -11.33 -16.54 40.25
C GLY C 88 -11.88 -16.52 38.84
N ALA C 89 -12.27 -15.34 38.32
CA ALA C 89 -12.66 -15.18 36.91
C ALA C 89 -11.51 -14.87 35.94
N GLY C 90 -10.31 -14.67 36.45
CA GLY C 90 -9.16 -14.34 35.63
C GLY C 90 -9.19 -12.90 35.20
N SER C 91 -8.38 -12.62 34.19
CA SER C 91 -8.27 -11.32 33.58
C SER C 91 -9.42 -11.06 32.60
N LEU C 92 -9.66 -9.79 32.34
CA LEU C 92 -10.55 -9.38 31.28
C LEU C 92 -10.21 -9.95 29.91
N GLN C 93 -8.93 -10.18 29.63
CA GLN C 93 -8.51 -10.90 28.44
C GLN C 93 -8.92 -12.38 28.48
N ASP C 94 -8.73 -13.05 29.61
CA ASP C 94 -9.21 -14.44 29.77
C ASP C 94 -10.70 -14.58 29.48
N ILE C 95 -11.47 -13.58 29.91
CA ILE C 95 -12.93 -13.58 29.84
C ILE C 95 -13.39 -13.27 28.40
N TYR C 96 -12.97 -12.12 27.84
CA TYR C 96 -13.36 -11.69 26.48
C TYR C 96 -12.94 -12.64 25.34
N GLN C 97 -11.90 -13.43 25.55
CA GLN C 97 -11.54 -14.49 24.58
C GLN C 97 -12.63 -15.56 24.44
N VAL C 98 -13.38 -15.77 25.51
CA VAL C 98 -14.59 -16.64 25.54
C VAL C 98 -15.87 -15.85 25.27
N THR C 99 -16.07 -14.72 25.96
CA THR C 99 -17.30 -13.94 25.83
C THR C 99 -17.48 -13.15 24.51
N GLY C 100 -16.39 -12.79 23.85
CA GLY C 100 -16.44 -11.70 22.87
C GLY C 100 -16.50 -10.34 23.56
N SER C 101 -16.75 -9.29 22.78
CA SER C 101 -16.51 -7.91 23.23
C SER C 101 -17.46 -7.45 24.33
N LEU C 102 -16.95 -6.58 25.20
CA LEU C 102 -17.72 -6.09 26.35
C LEU C 102 -18.65 -4.98 25.91
N SER C 103 -19.79 -4.84 26.60
CA SER C 103 -20.72 -3.71 26.33
C SER C 103 -20.09 -2.39 26.80
N GLU C 104 -20.60 -1.28 26.27
CA GLU C 104 -20.14 0.07 26.63
C GLU C 104 -20.21 0.29 28.12
N LEU C 105 -21.35 -0.06 28.73
CA LEU C 105 -21.55 0.05 30.20
C LEU C 105 -20.58 -0.78 31.03
N GLN C 106 -20.36 -2.03 30.63
CA GLN C 106 -19.39 -2.91 31.25
C GLN C 106 -17.97 -2.34 31.18
N ILE C 107 -17.64 -1.78 30.02
CA ILE C 107 -16.38 -1.07 29.83
C ILE C 107 -16.33 0.18 30.70
N SER C 108 -17.43 0.93 30.76
CA SER C 108 -17.50 2.10 31.63
C SER C 108 -17.24 1.79 33.12
N TYR C 109 -17.80 0.69 33.64
CA TYR C 109 -17.59 0.29 35.04
C TYR C 109 -16.13 -0.09 35.27
N VAL C 110 -15.61 -0.95 34.38
CA VAL C 110 -14.19 -1.32 34.35
C VAL C 110 -13.29 -0.09 34.39
N CYS C 111 -13.53 0.87 33.51
CA CYS C 111 -12.70 2.11 33.47
C CYS C 111 -12.73 2.97 34.76
N ARG C 112 -13.87 3.06 35.39
CA ARG C 112 -14.01 3.76 36.67
C ARG C 112 -13.24 3.07 37.80
N GLU C 113 -13.36 1.73 37.87
CA GLU C 113 -12.68 0.96 38.90
C GLU C 113 -11.14 0.99 38.72
N VAL C 114 -10.71 0.89 37.47
CA VAL C 114 -9.29 1.05 37.12
C VAL C 114 -8.77 2.46 37.43
N LEU C 115 -9.52 3.47 37.00
CA LEU C 115 -9.21 4.87 37.39
C LEU C 115 -9.11 5.10 38.90
N GLN C 116 -9.97 4.43 39.67
CA GLN C 116 -9.93 4.51 41.15
C GLN C 116 -8.61 3.93 41.72
N GLY C 117 -8.22 2.75 41.24
CA GLY C 117 -6.91 2.16 41.52
C GLY C 117 -5.71 3.01 41.10
N LEU C 118 -5.75 3.53 39.86
CA LEU C 118 -4.71 4.42 39.34
C LEU C 118 -4.61 5.74 40.11
N ALA C 119 -5.76 6.34 40.48
CA ALA C 119 -5.79 7.54 41.34
C ALA C 119 -5.02 7.32 42.64
N TYR C 120 -5.32 6.19 43.28
CA TYR C 120 -4.67 5.77 44.52
C TYR C 120 -3.15 5.58 44.32
N LEU C 121 -2.78 4.72 43.37
CA LEU C 121 -1.39 4.51 42.94
C LEU C 121 -0.62 5.80 42.63
N HIS C 122 -1.25 6.72 41.92
CA HIS C 122 -0.62 8.01 41.57
C HIS C 122 -0.40 8.95 42.75
N SER C 123 -1.38 9.06 43.65
CA SER C 123 -1.24 9.78 44.94
C SER C 123 -0.09 9.29 45.85
N GLN C 124 0.28 8.00 45.73
CA GLN C 124 1.47 7.43 46.38
C GLN C 124 2.80 7.65 45.60
N LYS C 125 2.76 8.38 44.46
CA LYS C 125 3.88 8.55 43.52
C LYS C 125 4.39 7.21 42.91
N LYS C 126 3.44 6.34 42.58
CA LYS C 126 3.71 5.05 41.93
C LYS C 126 3.05 5.07 40.56
N ILE C 127 3.63 4.34 39.60
CA ILE C 127 3.11 4.23 38.25
C ILE C 127 2.89 2.74 37.99
N HIS C 128 1.74 2.39 37.37
CA HIS C 128 1.46 1.00 37.02
C HIS C 128 2.35 0.47 35.90
N ARG C 129 2.34 1.17 34.76
CA ARG C 129 3.22 0.93 33.57
C ARG C 129 2.76 -0.14 32.55
N ASP C 130 1.98 -1.12 32.98
CA ASP C 130 1.45 -2.20 32.12
C ASP C 130 -0.08 -2.38 32.21
N ILE C 131 -0.81 -1.26 32.13
CA ILE C 131 -2.28 -1.29 32.08
C ILE C 131 -2.77 -1.90 30.75
N LYS C 132 -3.34 -3.08 30.87
CA LYS C 132 -4.00 -3.76 29.75
C LYS C 132 -5.01 -4.75 30.30
N GLY C 133 -5.85 -5.27 29.40
CA GLY C 133 -6.85 -6.31 29.75
C GLY C 133 -6.34 -7.47 30.59
N ALA C 134 -5.15 -7.96 30.22
CA ALA C 134 -4.47 -9.07 30.89
C ALA C 134 -4.08 -8.82 32.34
N ASN C 135 -3.94 -7.55 32.73
CA ASN C 135 -3.67 -7.12 34.11
C ASN C 135 -4.84 -6.47 34.88
N ILE C 136 -6.04 -6.63 34.36
CA ILE C 136 -7.25 -6.19 35.02
C ILE C 136 -7.96 -7.49 35.36
N LEU C 137 -7.95 -7.84 36.63
CA LEU C 137 -8.48 -9.09 37.13
C LEU C 137 -9.86 -8.87 37.77
N ILE C 138 -10.63 -9.96 37.75
CA ILE C 138 -12.03 -9.98 38.10
C ILE C 138 -12.27 -11.10 39.08
N ASN C 139 -12.85 -10.75 40.25
CA ASN C 139 -13.28 -11.81 41.22
C ASN C 139 -14.68 -12.28 40.86
N ASP C 140 -15.11 -13.38 41.51
CA ASP C 140 -16.45 -13.93 41.31
C ASP C 140 -17.60 -13.00 41.70
N ALA C 141 -17.33 -12.02 42.56
CA ALA C 141 -18.23 -10.92 42.89
C ALA C 141 -18.30 -9.78 41.86
N GLY C 142 -17.63 -9.90 40.72
CA GLY C 142 -17.57 -8.85 39.70
C GLY C 142 -16.83 -7.58 40.09
N GLU C 143 -15.88 -7.67 41.01
CA GLU C 143 -15.03 -6.51 41.36
C GLU C 143 -13.73 -6.52 40.56
N VAL C 144 -13.12 -5.34 40.47
CA VAL C 144 -12.00 -5.10 39.59
C VAL C 144 -10.76 -4.86 40.42
N ARG C 145 -9.70 -5.61 40.09
CA ARG C 145 -8.39 -5.59 40.73
C ARG C 145 -7.28 -5.46 39.67
N LEU C 146 -6.45 -4.42 39.81
CA LEU C 146 -5.18 -4.32 39.08
C LEU C 146 -4.16 -5.31 39.61
N ALA C 147 -3.46 -6.00 38.70
CA ALA C 147 -2.41 -6.99 39.05
C ALA C 147 -1.04 -6.33 39.14
N ASP C 148 -0.09 -7.06 39.77
CA ASP C 148 1.23 -6.52 40.20
C ASP C 148 2.02 -5.79 39.12
N PHE C 149 2.89 -4.88 39.55
CA PHE C 149 3.67 -4.02 38.64
C PHE C 149 5.12 -3.91 39.09
N ALA C 153 8.97 -7.88 35.97
CA ALA C 153 9.65 -6.91 35.12
C ALA C 153 11.15 -6.80 35.44
N GLN C 154 11.48 -6.63 36.73
CA GLN C 154 12.83 -6.25 37.18
C GLN C 154 13.78 -7.43 37.46
N ILE C 155 13.62 -8.57 36.78
CA ILE C 155 14.33 -9.81 37.17
C ILE C 155 14.48 -10.84 36.04
N GLY C 156 15.59 -11.59 36.06
CA GLY C 156 15.73 -12.83 35.28
C GLY C 156 15.98 -12.64 33.80
N ALA C 157 15.42 -13.55 32.99
CA ALA C 157 15.44 -13.44 31.50
C ALA C 157 14.74 -12.18 30.95
N THR C 158 13.71 -11.70 31.65
CA THR C 158 13.00 -10.47 31.26
C THR C 158 13.88 -9.23 31.41
N LEU C 159 14.42 -9.01 32.61
CA LEU C 159 15.40 -7.92 32.86
C LEU C 159 16.70 -8.05 32.03
N ALA C 160 17.10 -9.28 31.72
CA ALA C 160 18.20 -9.52 30.81
C ALA C 160 17.89 -8.90 29.45
N ARG C 161 16.83 -9.40 28.80
CA ARG C 161 16.42 -8.98 27.44
C ARG C 161 16.23 -7.45 27.29
N ARG C 162 15.50 -6.85 28.25
CA ARG C 162 15.13 -5.42 28.27
C ARG C 162 16.29 -4.46 28.15
N LEU C 163 17.31 -4.67 28.96
CA LEU C 163 18.49 -3.83 28.90
C LEU C 163 19.37 -4.13 27.72
N ALA C 164 19.36 -5.38 27.21
CA ALA C 164 20.13 -5.72 25.99
C ALA C 164 19.44 -5.09 24.76
N PHE C 165 19.62 -3.77 24.60
CA PHE C 165 18.69 -2.86 23.87
C PHE C 165 19.06 -1.40 24.17
N ILE C 166 19.15 -1.11 25.47
CA ILE C 166 19.58 0.19 25.99
C ILE C 166 21.11 0.30 26.00
N GLY C 167 21.77 -0.78 26.41
CA GLY C 167 23.23 -0.80 26.49
C GLY C 167 23.75 -2.06 27.14
N THR C 168 24.92 -1.95 27.77
CA THR C 168 25.41 -2.99 28.70
C THR C 168 25.55 -2.27 30.04
N PRO C 169 24.94 -2.80 31.15
CA PRO C 169 24.76 -2.07 32.43
C PRO C 169 25.99 -1.43 33.06
N TYR C 170 27.07 -2.18 33.12
CA TYR C 170 28.32 -1.73 33.76
C TYR C 170 28.97 -0.51 33.04
N TRP C 171 28.75 -0.38 31.73
CA TRP C 171 29.24 0.73 30.92
C TRP C 171 28.28 1.91 30.78
N MET C 172 27.07 1.82 31.35
CA MET C 172 26.06 2.88 31.18
C MET C 172 26.34 4.07 32.07
N ALA C 173 26.08 5.27 31.57
CA ALA C 173 26.11 6.50 32.37
C ALA C 173 24.94 6.58 33.37
N PRO C 174 24.97 7.53 34.35
CA PRO C 174 23.87 7.61 35.33
C PRO C 174 22.51 7.93 34.71
N GLU C 175 22.48 8.96 33.85
CA GLU C 175 21.31 9.34 33.06
C GLU C 175 20.69 8.18 32.26
N VAL C 176 21.52 7.26 31.74
CA VAL C 176 21.05 6.08 31.00
C VAL C 176 20.38 5.14 32.01
N ALA C 177 21.14 4.82 33.07
CA ALA C 177 20.68 3.98 34.16
C ALA C 177 19.30 4.39 34.68
N ALA C 178 19.11 5.70 34.92
CA ALA C 178 17.87 6.29 35.41
C ALA C 178 16.68 5.99 34.48
N VAL C 179 16.93 6.22 33.18
CA VAL C 179 15.98 5.88 32.15
C VAL C 179 15.76 4.36 32.06
N ALA C 180 16.81 3.59 32.13
CA ALA C 180 16.70 2.13 32.01
C ALA C 180 15.84 1.47 33.10
N LEU C 181 15.88 2.02 34.31
CA LEU C 181 15.12 1.52 35.47
C LEU C 181 13.68 2.00 35.53
N LYS C 182 13.48 3.29 35.27
CA LYS C 182 12.21 3.98 35.42
C LYS C 182 11.51 4.50 34.14
N GLY C 183 12.28 4.80 33.10
CA GLY C 183 11.76 5.33 31.84
C GLY C 183 11.68 6.86 31.74
N CYS C 184 11.95 7.58 32.84
CA CYS C 184 11.88 9.05 32.87
C CYS C 184 10.51 9.70 32.73
N TYR C 185 9.48 8.88 32.54
CA TYR C 185 8.16 9.30 32.11
C TYR C 185 7.25 9.24 33.34
N ASN C 186 6.10 9.87 33.21
CA ASN C 186 5.22 10.19 34.33
C ASN C 186 3.99 9.26 34.46
N GLU C 187 3.25 9.47 35.55
CA GLU C 187 2.03 8.72 35.87
C GLU C 187 0.92 8.75 34.80
N LEU C 188 0.85 9.86 34.07
CA LEU C 188 -0.09 10.04 32.96
C LEU C 188 0.04 9.04 31.79
N CYS C 189 1.15 8.30 31.71
CA CYS C 189 1.27 7.13 30.83
C CYS C 189 0.20 6.05 31.03
N ASP C 190 -0.23 5.85 32.29
CA ASP C 190 -1.26 4.87 32.63
C ASP C 190 -2.62 5.28 32.07
N ILE C 191 -2.89 6.59 32.04
CA ILE C 191 -4.14 7.16 31.52
C ILE C 191 -4.26 6.82 30.05
N TRP C 192 -3.17 7.05 29.28
CA TRP C 192 -3.07 6.59 27.89
C TRP C 192 -3.35 5.10 27.74
N SER C 193 -2.64 4.28 28.52
CA SER C 193 -2.78 2.83 28.47
C SER C 193 -4.21 2.33 28.74
N LEU C 194 -4.95 3.02 29.64
CA LEU C 194 -6.34 2.73 29.90
C LEU C 194 -7.22 2.96 28.67
N GLY C 195 -7.04 4.11 28.01
CA GLY C 195 -7.68 4.41 26.73
C GLY C 195 -7.52 3.34 25.65
N ILE C 196 -6.33 2.78 25.55
CA ILE C 196 -6.06 1.64 24.67
C ILE C 196 -6.81 0.38 25.17
N THR C 197 -6.74 0.12 26.49
CA THR C 197 -7.52 -0.97 27.14
C THR C 197 -9.04 -0.90 26.90
N ALA C 198 -9.60 0.31 26.90
CA ALA C 198 -11.00 0.48 26.62
C ALA C 198 -11.36 0.10 25.17
N ILE C 199 -10.46 0.39 24.22
CA ILE C 199 -10.60 -0.05 22.82
C ILE C 199 -10.47 -1.57 22.71
N GLU C 200 -9.48 -2.11 23.39
CA GLU C 200 -9.24 -3.57 23.49
C GLU C 200 -10.46 -4.37 23.92
N LEU C 201 -11.11 -3.87 24.98
CA LEU C 201 -12.29 -4.49 25.55
C LEU C 201 -13.48 -4.35 24.61
N ALA C 202 -13.54 -3.19 23.94
CA ALA C 202 -14.51 -2.94 22.91
C ALA C 202 -14.34 -3.79 21.66
N GLU C 203 -13.12 -4.13 21.26
CA GLU C 203 -12.81 -4.70 19.91
C GLU C 203 -12.01 -6.02 19.87
N LEU C 204 -11.68 -6.58 21.06
CA LEU C 204 -10.90 -7.82 21.25
C LEU C 204 -9.37 -7.76 20.97
N GLN C 205 -8.85 -6.57 20.70
CA GLN C 205 -7.44 -6.33 20.28
C GLN C 205 -7.20 -4.84 20.50
N PRO C 206 -5.97 -4.43 20.85
CA PRO C 206 -5.71 -2.99 20.88
C PRO C 206 -5.53 -2.47 19.45
N PRO C 207 -5.51 -1.14 19.27
CA PRO C 207 -5.13 -0.59 17.96
C PRO C 207 -3.79 -1.15 17.49
N LEU C 208 -3.71 -1.43 16.20
CA LEU C 208 -2.45 -1.81 15.53
C LEU C 208 -1.89 -3.20 15.92
N PHE C 209 -2.72 -4.10 16.47
N PHE C 209 -2.72 -4.09 16.46
CA PHE C 209 -2.28 -5.46 16.87
CA PHE C 209 -2.37 -5.47 16.86
C PHE C 209 -1.78 -6.33 15.72
C PHE C 209 -1.79 -6.32 15.73
N ASP C 210 -2.19 -6.02 14.49
CA ASP C 210 -1.68 -6.69 13.28
C ASP C 210 -0.41 -6.01 12.68
N VAL C 211 -0.02 -4.84 13.21
CA VAL C 211 1.21 -4.12 12.85
C VAL C 211 2.39 -4.52 13.80
N HIS C 212 3.61 -4.53 13.28
CA HIS C 212 4.83 -4.91 14.05
C HIS C 212 5.13 -3.91 15.20
N PRO C 213 5.41 -4.42 16.44
CA PRO C 213 5.49 -3.50 17.64
C PRO C 213 6.42 -2.31 17.48
N LEU C 214 7.59 -2.57 16.91
CA LEU C 214 8.57 -1.50 16.64
C LEU C 214 8.09 -0.39 15.71
N ARG C 215 7.30 -0.77 14.70
CA ARG C 215 6.73 0.20 13.78
C ARG C 215 5.64 1.01 14.51
N VAL C 216 4.86 0.34 15.36
CA VAL C 216 3.90 1.04 16.19
C VAL C 216 4.61 2.12 17.01
N LEU C 217 5.70 1.76 17.70
CA LEU C 217 6.43 2.71 18.54
C LEU C 217 7.02 3.86 17.74
N PHE C 218 7.69 3.52 16.63
CA PHE C 218 8.28 4.51 15.72
C PHE C 218 7.28 5.59 15.30
N LEU C 219 6.12 5.14 14.82
CA LEU C 219 5.07 6.03 14.30
C LEU C 219 4.52 7.04 15.32
N MET C 220 4.42 6.60 16.59
CA MET C 220 4.03 7.47 17.72
C MET C 220 4.94 8.68 17.94
N THR C 221 6.20 8.59 17.52
CA THR C 221 7.17 9.70 17.61
C THR C 221 7.14 10.68 16.44
N LYS C 222 6.47 10.31 15.35
CA LYS C 222 6.54 11.06 14.08
C LYS C 222 5.51 12.20 14.09
N SER C 223 5.88 13.29 13.40
CA SER C 223 5.03 14.47 13.30
C SER C 223 3.85 14.16 12.38
N GLY C 224 2.67 14.63 12.78
CA GLY C 224 1.39 14.26 12.16
C GLY C 224 0.81 12.93 12.60
N TYR C 225 1.32 12.38 13.71
CA TYR C 225 0.76 11.17 14.32
C TYR C 225 -0.65 11.47 14.83
N GLN C 226 -1.52 10.48 14.67
CA GLN C 226 -2.92 10.55 15.04
C GLN C 226 -3.12 9.46 16.08
N PRO C 227 -3.59 9.81 17.31
CA PRO C 227 -3.89 8.74 18.26
C PRO C 227 -5.06 7.88 17.74
N PRO C 228 -5.09 6.57 18.10
CA PRO C 228 -6.14 5.70 17.55
C PRO C 228 -7.53 6.04 18.04
N ARG C 229 -8.52 5.41 17.39
CA ARG C 229 -9.94 5.60 17.69
C ARG C 229 -10.66 4.28 17.67
N LEU C 230 -11.87 4.29 18.21
CA LEU C 230 -12.82 3.21 18.02
C LEU C 230 -13.17 3.04 16.56
N LYS C 231 -13.22 1.77 16.12
CA LYS C 231 -13.38 1.43 14.70
C LYS C 231 -14.78 1.70 14.16
N GLU C 232 -15.81 1.32 14.92
CA GLU C 232 -17.23 1.58 14.53
C GLU C 232 -17.71 2.84 15.22
N LYS C 233 -18.07 3.89 14.48
CA LYS C 233 -18.57 5.15 15.07
C LYS C 233 -19.94 4.99 15.76
N GLY C 234 -20.87 4.35 15.06
CA GLY C 234 -22.28 4.26 15.48
C GLY C 234 -22.59 3.33 16.65
N LYS C 235 -21.73 2.34 16.87
CA LYS C 235 -21.89 1.42 18.02
C LYS C 235 -21.78 2.09 19.42
N TRP C 236 -21.01 3.17 19.53
CA TRP C 236 -20.70 3.78 20.84
C TRP C 236 -21.24 5.18 20.95
N SER C 237 -21.53 5.58 22.18
CA SER C 237 -21.96 6.94 22.51
C SER C 237 -20.82 7.92 22.29
N ALA C 238 -21.21 9.17 22.04
CA ALA C 238 -20.29 10.33 21.96
C ALA C 238 -19.44 10.50 23.23
N ALA C 239 -20.03 10.16 24.38
CA ALA C 239 -19.33 10.15 25.66
C ALA C 239 -18.16 9.16 25.70
N PHE C 240 -18.39 7.95 25.18
CA PHE C 240 -17.33 6.96 25.06
C PHE C 240 -16.26 7.38 24.03
N HIS C 241 -16.66 7.87 22.86
CA HIS C 241 -15.72 8.46 21.89
C HIS C 241 -14.88 9.59 22.46
N ASN C 242 -15.47 10.40 23.34
CA ASN C 242 -14.76 11.49 24.02
C ASN C 242 -13.79 10.96 25.06
N PHE C 243 -14.24 10.01 25.89
CA PHE C 243 -13.34 9.28 26.83
C PHE C 243 -12.06 8.79 26.17
N ILE C 244 -12.21 8.18 25.00
CA ILE C 244 -11.07 7.71 24.18
C ILE C 244 -10.23 8.88 23.63
N LYS C 245 -10.89 9.92 23.08
CA LYS C 245 -10.16 11.12 22.62
C LYS C 245 -9.24 11.71 23.68
N VAL C 246 -9.76 11.82 24.89
CA VAL C 246 -9.16 12.60 25.95
C VAL C 246 -8.08 11.79 26.65
N THR C 247 -8.34 10.51 26.94
CA THR C 247 -7.28 9.63 27.50
C THR C 247 -6.11 9.44 26.54
N LEU C 248 -6.41 9.32 25.24
CA LEU C 248 -5.39 9.25 24.20
C LEU C 248 -4.95 10.61 23.66
N THR C 249 -4.78 11.59 24.55
CA THR C 249 -4.11 12.86 24.25
C THR C 249 -2.61 12.57 24.08
N LYS C 250 -2.06 13.11 23.01
CA LYS C 250 -0.69 12.81 22.57
C LYS C 250 0.32 13.33 23.59
N SER C 251 0.20 14.60 23.95
CA SER C 251 1.07 15.25 24.93
C SER C 251 0.76 14.79 26.37
N PRO C 252 1.79 14.38 27.15
CA PRO C 252 1.57 14.25 28.61
C PRO C 252 1.15 15.55 29.31
N LYS C 253 1.69 16.69 28.88
CA LYS C 253 1.31 18.00 29.43
C LYS C 253 -0.20 18.33 29.34
N LYS C 254 -0.86 17.87 28.27
CA LYS C 254 -2.29 18.09 28.06
C LYS C 254 -3.22 16.89 28.40
N ARG C 255 -2.67 15.71 28.66
CA ARG C 255 -3.47 14.52 29.02
C ARG C 255 -3.97 14.66 30.48
N PRO C 256 -5.27 14.43 30.73
CA PRO C 256 -5.75 14.63 32.10
C PRO C 256 -5.36 13.52 33.07
N SER C 257 -5.45 13.85 34.35
CA SER C 257 -5.09 12.96 35.45
C SER C 257 -6.17 11.94 35.71
N ALA C 258 -5.84 10.96 36.55
CA ALA C 258 -6.76 9.90 36.96
C ALA C 258 -7.97 10.46 37.70
N THR C 259 -7.73 11.36 38.67
CA THR C 259 -8.81 12.04 39.41
C THR C 259 -9.68 12.94 38.51
N LYS C 260 -9.07 13.68 37.59
CA LYS C 260 -9.80 14.43 36.55
C LYS C 260 -10.65 13.52 35.65
N MET C 261 -10.13 12.34 35.29
CA MET C 261 -10.89 11.35 34.49
C MET C 261 -12.07 10.75 35.26
N LEU C 262 -11.97 10.62 36.59
CA LEU C 262 -13.13 10.20 37.42
C LEU C 262 -14.34 11.16 37.36
N SER C 263 -14.12 12.42 36.97
CA SER C 263 -15.22 13.40 36.67
C SER C 263 -15.87 13.26 35.28
N HIS C 264 -15.34 12.38 34.43
CA HIS C 264 -15.81 12.28 33.05
C HIS C 264 -17.15 11.55 33.03
N GLN C 265 -18.06 11.98 32.15
CA GLN C 265 -19.44 11.46 32.06
C GLN C 265 -19.49 9.93 32.00
N LEU C 266 -18.68 9.34 31.13
CA LEU C 266 -18.57 7.89 30.97
C LEU C 266 -18.40 7.10 32.27
N VAL C 267 -17.52 7.57 33.16
CA VAL C 267 -17.26 6.89 34.46
C VAL C 267 -18.07 7.41 35.67
N SER C 268 -18.57 8.65 35.60
CA SER C 268 -19.37 9.24 36.68
C SER C 268 -20.88 8.99 36.56
N GLN C 269 -21.34 8.44 35.43
CA GLN C 269 -22.77 8.15 35.18
C GLN C 269 -23.32 7.13 36.17
N PRO C 270 -24.62 7.24 36.51
CA PRO C 270 -25.18 6.33 37.51
C PRO C 270 -25.48 4.96 36.89
N GLY C 271 -25.68 3.99 37.77
CA GLY C 271 -25.95 2.60 37.37
C GLY C 271 -24.74 1.76 37.01
N LEU C 272 -23.53 2.25 37.33
CA LEU C 272 -22.32 1.49 37.14
C LEU C 272 -22.02 0.78 38.48
N ASN C 273 -22.03 -0.55 38.43
CA ASN C 273 -21.71 -1.42 39.56
C ASN C 273 -21.35 -2.83 39.07
N ARG C 274 -20.91 -3.67 40.00
CA ARG C 274 -20.45 -5.04 39.71
C ARG C 274 -21.48 -5.97 39.06
N GLY C 275 -22.77 -5.69 39.20
CA GLY C 275 -23.83 -6.39 38.46
C GLY C 275 -23.55 -6.53 36.97
N LEU C 276 -23.12 -5.44 36.35
CA LEU C 276 -22.67 -5.43 34.94
C LEU C 276 -21.67 -6.55 34.60
N ILE C 277 -20.72 -6.78 35.49
CA ILE C 277 -19.75 -7.88 35.35
C ILE C 277 -20.31 -9.25 35.76
N LEU C 278 -21.23 -9.29 36.73
CA LEU C 278 -21.99 -10.53 37.03
C LEU C 278 -22.74 -11.05 35.79
N ASP C 279 -23.24 -10.15 34.95
CA ASP C 279 -23.78 -10.54 33.63
C ASP C 279 -22.71 -11.14 32.75
N LEU C 280 -21.56 -10.46 32.70
CA LEU C 280 -20.39 -10.94 31.94
C LEU C 280 -19.97 -12.35 32.35
N LEU C 281 -19.85 -12.61 33.67
CA LEU C 281 -19.46 -13.93 34.16
C LEU C 281 -20.51 -15.00 33.97
N ASP C 282 -21.79 -14.62 34.01
CA ASP C 282 -22.87 -15.49 33.55
C ASP C 282 -22.77 -15.89 32.08
N LYS C 283 -22.43 -14.93 31.24
CA LYS C 283 -22.19 -15.17 29.81
C LYS C 283 -21.01 -16.10 29.55
N LEU C 284 -19.93 -15.93 30.32
CA LEU C 284 -18.77 -16.84 30.32
C LEU C 284 -19.17 -18.29 30.54
N LYS C 285 -19.94 -18.55 31.60
CA LYS C 285 -20.41 -19.89 31.96
C LYS C 285 -21.40 -20.48 30.93
N ASN C 286 -22.13 -19.62 30.20
CA ASN C 286 -23.14 -20.02 29.20
C ASN C 286 -22.88 -19.36 27.81
N PRO C 287 -21.72 -19.64 27.17
CA PRO C 287 -21.23 -18.85 26.03
C PRO C 287 -21.88 -19.15 24.66
N ILE D 1 19.72 -2.13 0.93
CA ILE D 1 19.55 -3.55 1.41
C ILE D 1 19.26 -4.55 0.26
N PHE D 2 20.09 -5.59 0.15
CA PHE D 2 20.01 -6.58 -0.94
C PHE D 2 19.22 -7.80 -0.51
N ASN D 3 18.77 -8.52 -1.51
CA ASN D 3 17.69 -9.51 -1.37
C ASN D 3 17.99 -10.81 -2.16
N ARG D 4 19.19 -11.34 -1.93
CA ARG D 4 19.69 -12.53 -2.63
C ARG D 4 20.65 -13.29 -1.72
N ASP D 5 21.00 -14.52 -2.11
CA ASP D 5 21.97 -15.36 -1.39
C ASP D 5 23.37 -14.70 -1.41
N PRO D 6 23.93 -14.33 -0.22
CA PRO D 6 25.29 -13.73 -0.21
C PRO D 6 26.44 -14.67 -0.63
N ARG D 7 26.21 -15.99 -0.60
CA ARG D 7 27.12 -17.00 -1.20
C ARG D 7 27.41 -16.78 -2.70
N ASP D 8 26.46 -16.16 -3.42
CA ASP D 8 26.66 -15.68 -4.80
C ASP D 8 27.86 -14.72 -4.92
N HIS D 9 27.95 -13.76 -3.99
CA HIS D 9 29.01 -12.74 -3.97
C HIS D 9 30.21 -12.99 -3.00
N TYR D 10 30.09 -13.95 -2.08
CA TYR D 10 31.13 -14.23 -1.03
C TYR D 10 31.35 -15.72 -0.72
N ASP D 11 32.55 -16.06 -0.26
CA ASP D 11 32.87 -17.43 0.17
C ASP D 11 33.06 -17.45 1.69
N LEU D 12 32.19 -18.15 2.40
CA LEU D 12 32.36 -18.41 3.87
C LEU D 12 33.62 -19.22 4.15
N LEU D 13 34.24 -18.94 5.30
CA LEU D 13 35.56 -19.53 5.66
C LEU D 13 35.58 -20.15 7.07
N GLN D 14 35.14 -19.40 8.09
CA GLN D 14 35.02 -19.94 9.47
C GLN D 14 34.10 -19.11 10.40
N ARG D 15 33.38 -19.82 11.27
CA ARG D 15 32.66 -19.22 12.41
C ARG D 15 33.65 -18.66 13.43
N LEU D 16 33.22 -17.59 14.12
CA LEU D 16 34.07 -16.81 15.04
C LEU D 16 33.58 -16.82 16.49
N GLY D 17 32.28 -16.59 16.70
CA GLY D 17 31.66 -16.66 18.03
C GLY D 17 30.20 -16.22 18.05
N GLU D 23 26.78 -16.53 15.47
CA GLU D 23 27.29 -16.89 14.14
C GLU D 23 27.69 -15.66 13.30
N VAL D 24 28.90 -15.16 13.58
CA VAL D 24 29.65 -14.22 12.75
C VAL D 24 30.68 -15.05 11.98
N PHE D 25 30.91 -14.68 10.71
CA PHE D 25 31.73 -15.47 9.80
C PHE D 25 32.91 -14.70 9.26
N LYS D 26 34.08 -15.36 9.20
CA LYS D 26 35.16 -14.95 8.31
C LYS D 26 34.73 -15.32 6.88
N ALA D 27 34.88 -14.39 5.94
CA ALA D 27 34.59 -14.64 4.51
C ALA D 27 35.40 -13.77 3.56
N ARG D 28 35.51 -14.21 2.31
CA ARG D 28 36.23 -13.45 1.25
C ARG D 28 35.33 -13.14 0.06
N ASP D 29 35.53 -11.95 -0.51
CA ASP D 29 34.84 -11.52 -1.73
C ASP D 29 35.36 -12.38 -2.88
N LYS D 30 34.44 -13.02 -3.61
CA LYS D 30 34.80 -13.86 -4.77
C LYS D 30 35.42 -13.09 -5.94
N VAL D 31 35.00 -11.83 -6.13
CA VAL D 31 35.51 -10.94 -7.18
C VAL D 31 36.70 -10.08 -6.72
N SER D 32 36.47 -9.29 -5.68
CA SER D 32 37.44 -8.30 -5.18
C SER D 32 38.67 -8.85 -4.44
N GLY D 33 38.56 -10.06 -3.89
CA GLY D 33 39.58 -10.65 -3.01
C GLY D 33 39.64 -10.16 -1.56
N ASP D 34 38.77 -9.21 -1.19
CA ASP D 34 38.82 -8.56 0.13
C ASP D 34 38.15 -9.46 1.14
N LEU D 35 38.77 -9.58 2.31
CA LEU D 35 38.20 -10.29 3.44
C LEU D 35 37.09 -9.43 4.04
N VAL D 36 35.99 -10.09 4.40
CA VAL D 36 34.86 -9.44 5.07
C VAL D 36 34.42 -10.26 6.25
N ALA D 37 33.70 -9.56 7.13
CA ALA D 37 32.96 -10.16 8.24
C ALA D 37 31.48 -10.16 7.88
N LEU D 38 30.83 -11.32 8.00
CA LEU D 38 29.38 -11.47 7.80
C LEU D 38 28.69 -11.83 9.11
N LYS D 39 27.98 -10.86 9.70
CA LYS D 39 27.12 -11.10 10.89
C LYS D 39 25.77 -11.62 10.38
N MET D 40 25.46 -12.87 10.75
CA MET D 40 24.23 -13.56 10.39
C MET D 40 23.21 -13.52 11.54
N VAL D 41 21.92 -13.38 11.22
CA VAL D 41 20.80 -13.36 12.18
C VAL D 41 19.64 -14.17 11.60
N LYS D 42 19.17 -15.18 12.34
CA LYS D 42 17.96 -15.95 11.97
C LYS D 42 16.72 -15.06 12.13
N MET D 43 15.70 -15.31 11.31
CA MET D 43 14.43 -14.56 11.33
C MET D 43 13.24 -15.47 11.07
N GLU D 44 12.62 -15.99 12.13
CA GLU D 44 11.49 -16.94 12.01
C GLU D 44 10.12 -16.22 11.84
N PRO D 45 9.43 -15.85 12.94
CA PRO D 45 7.98 -15.69 12.83
C PRO D 45 7.50 -14.30 12.32
N ASP D 46 7.60 -13.26 13.15
CA ASP D 46 7.14 -11.92 12.85
C ASP D 46 8.22 -10.86 13.13
N ASP D 47 9.45 -11.13 12.68
CA ASP D 47 10.47 -10.08 12.48
C ASP D 47 10.17 -9.41 11.14
N ASP D 48 10.38 -8.10 11.07
CA ASP D 48 10.30 -7.33 9.83
C ASP D 48 11.65 -6.66 9.62
N VAL D 49 12.33 -7.04 8.53
CA VAL D 49 13.58 -6.41 8.12
C VAL D 49 13.40 -4.91 7.78
N SER D 50 12.26 -4.56 7.20
CA SER D 50 11.98 -3.17 6.82
C SER D 50 11.93 -2.13 7.97
N THR D 51 11.81 -2.59 9.22
CA THR D 51 11.96 -1.72 10.41
C THR D 51 13.41 -1.44 10.82
N LEU D 52 14.37 -2.18 10.26
CA LEU D 52 15.84 -1.90 10.44
C LEU D 52 16.47 -0.96 9.38
N GLN D 53 15.64 -0.33 8.56
CA GLN D 53 16.09 0.57 7.49
C GLN D 53 16.62 1.92 7.99
N LYS D 54 16.02 2.47 9.04
CA LYS D 54 16.55 3.68 9.72
C LYS D 54 17.94 3.43 10.38
N GLU D 55 18.17 2.22 10.90
CA GLU D 55 19.45 1.81 11.52
C GLU D 55 20.54 1.37 10.51
N ILE D 56 20.12 0.82 9.37
CA ILE D 56 21.02 0.54 8.22
C ILE D 56 21.52 1.83 7.54
N LEU D 57 20.61 2.79 7.34
CA LEU D 57 20.93 4.11 6.75
C LEU D 57 21.85 4.98 7.63
N ILE D 58 21.74 4.82 8.95
CA ILE D 58 22.73 5.33 9.94
C ILE D 58 24.11 4.69 9.72
N LEU D 59 24.13 3.36 9.61
CA LEU D 59 25.35 2.58 9.42
C LEU D 59 26.02 2.75 8.04
N LYS D 60 25.22 2.93 6.99
CA LYS D 60 25.71 3.15 5.62
C LYS D 60 26.40 4.52 5.42
N THR D 61 25.73 5.58 5.89
CA THR D 61 26.29 6.95 5.80
C THR D 61 27.50 7.22 6.68
N CYS D 62 27.76 6.36 7.68
CA CYS D 62 29.00 6.40 8.45
C CYS D 62 30.20 5.96 7.62
N ARG D 63 31.01 6.93 7.21
CA ARG D 63 32.25 6.73 6.47
C ARG D 63 33.40 7.47 7.17
N HIS D 64 34.05 6.74 8.08
CA HIS D 64 35.22 7.25 8.84
C HIS D 64 36.21 6.12 9.08
N ALA D 65 37.50 6.47 9.19
CA ALA D 65 38.57 5.52 9.43
C ALA D 65 38.39 4.71 10.76
N ASN D 66 37.86 5.36 11.79
CA ASN D 66 37.61 4.71 13.09
C ASN D 66 36.22 4.06 13.29
N ILE D 67 35.45 3.89 12.20
CA ILE D 67 34.15 3.21 12.22
C ILE D 67 34.28 2.00 11.30
N VAL D 68 33.80 0.82 11.73
CA VAL D 68 33.76 -0.38 10.88
C VAL D 68 32.92 0.00 9.66
N ALA D 69 33.49 -0.17 8.46
CA ALA D 69 32.75 0.12 7.22
C ALA D 69 31.59 -0.89 7.05
N TYR D 70 30.44 -0.37 6.66
CA TYR D 70 29.27 -1.17 6.24
C TYR D 70 29.37 -1.36 4.75
N HIS D 71 29.05 -2.56 4.27
CA HIS D 71 29.04 -2.86 2.80
C HIS D 71 27.70 -3.31 2.17
N GLY D 72 26.66 -3.45 2.99
CA GLY D 72 25.34 -3.95 2.54
C GLY D 72 24.88 -5.12 3.38
N SER D 73 23.57 -5.32 3.38
CA SER D 73 22.92 -6.45 4.04
C SER D 73 22.21 -7.34 3.02
N TYR D 74 22.04 -8.61 3.37
CA TYR D 74 21.45 -9.62 2.47
C TYR D 74 20.36 -10.41 3.20
N LEU D 75 19.12 -10.25 2.74
CA LEU D 75 18.01 -11.11 3.16
C LEU D 75 17.93 -12.32 2.23
N TRP D 76 17.99 -13.52 2.79
CA TRP D 76 17.84 -14.77 2.02
C TRP D 76 17.57 -15.94 2.96
N LEU D 77 16.57 -16.77 2.62
CA LEU D 77 16.19 -17.99 3.35
C LEU D 77 15.97 -17.72 4.86
N GLN D 78 15.17 -16.68 5.13
CA GLN D 78 14.78 -16.26 6.48
C GLN D 78 15.99 -15.90 7.39
N LYS D 79 17.01 -15.30 6.77
CA LYS D 79 18.27 -14.89 7.44
C LYS D 79 18.73 -13.53 6.93
N LEU D 80 19.26 -12.70 7.83
CA LEU D 80 19.85 -11.40 7.51
C LEU D 80 21.35 -11.47 7.72
N TRP D 81 22.09 -11.40 6.62
CA TRP D 81 23.54 -11.38 6.63
C TRP D 81 23.99 -9.93 6.48
N ILE D 82 24.57 -9.37 7.54
CA ILE D 82 25.11 -8.00 7.60
C ILE D 82 26.61 -8.11 7.26
N CYS D 83 27.03 -7.58 6.11
CA CYS D 83 28.42 -7.66 5.65
C CYS D 83 29.19 -6.43 6.08
N MET D 84 30.44 -6.63 6.56
CA MET D 84 31.31 -5.51 7.01
C MET D 84 32.83 -5.77 6.91
N GLU D 85 33.57 -4.66 6.98
CA GLU D 85 35.03 -4.61 7.10
C GLU D 85 35.53 -5.58 8.17
N PHE D 86 36.44 -6.47 7.79
CA PHE D 86 37.02 -7.48 8.68
C PHE D 86 38.17 -6.90 9.52
N CYS D 87 38.13 -7.16 10.84
CA CYS D 87 39.14 -6.74 11.79
C CYS D 87 39.71 -8.01 12.43
N GLY D 88 40.83 -8.46 11.88
CA GLY D 88 41.36 -9.82 12.10
C GLY D 88 41.90 -10.23 13.46
N ALA D 89 42.15 -9.25 14.33
CA ALA D 89 42.55 -9.49 15.72
C ALA D 89 41.37 -9.57 16.72
N GLY D 90 40.14 -9.40 16.25
CA GLY D 90 38.97 -9.38 17.10
C GLY D 90 38.85 -8.10 17.86
N SER D 91 38.06 -8.16 18.92
CA SER D 91 37.85 -7.07 19.84
C SER D 91 39.00 -6.96 20.86
N LEU D 92 39.13 -5.78 21.45
CA LEU D 92 40.03 -5.59 22.57
C LEU D 92 39.75 -6.53 23.76
N GLN D 93 38.50 -6.94 23.95
CA GLN D 93 38.17 -7.98 24.92
C GLN D 93 38.72 -9.34 24.51
N ASP D 94 38.59 -9.72 23.23
CA ASP D 94 39.20 -10.98 22.73
C ASP D 94 40.70 -11.02 23.00
N ILE D 95 41.36 -9.87 22.84
CA ILE D 95 42.79 -9.72 22.97
C ILE D 95 43.25 -9.77 24.45
N TYR D 96 42.70 -8.87 25.28
CA TYR D 96 43.07 -8.77 26.70
C TYR D 96 42.80 -10.00 27.57
N GLN D 97 41.82 -10.82 27.15
CA GLN D 97 41.59 -12.12 27.78
C GLN D 97 42.78 -13.06 27.65
N VAL D 98 43.56 -12.90 26.58
CA VAL D 98 44.84 -13.57 26.36
C VAL D 98 46.03 -12.72 26.84
N THR D 99 46.08 -11.44 26.46
CA THR D 99 47.25 -10.57 26.80
C THR D 99 47.39 -10.13 28.27
N GLY D 100 46.29 -10.11 29.02
CA GLY D 100 46.23 -9.35 30.25
C GLY D 100 46.04 -7.86 29.96
N SER D 101 46.20 -7.01 30.97
CA SER D 101 45.85 -5.57 30.83
C SER D 101 46.76 -4.81 29.87
N LEU D 102 46.22 -3.78 29.24
CA LEU D 102 46.97 -2.94 28.30
C LEU D 102 47.81 -1.93 29.12
N SER D 103 48.93 -1.50 28.56
CA SER D 103 49.71 -0.38 29.10
C SER D 103 48.91 0.93 28.97
N GLU D 104 49.31 1.92 29.78
CA GLU D 104 48.73 3.25 29.77
C GLU D 104 48.73 3.86 28.39
N LEU D 105 49.88 3.79 27.72
CA LEU D 105 50.06 4.29 26.36
C LEU D 105 49.17 3.64 25.29
N GLN D 106 49.06 2.31 25.36
CA GLN D 106 48.13 1.54 24.55
C GLN D 106 46.70 1.94 24.74
N ILE D 107 46.32 2.14 25.98
CA ILE D 107 44.99 2.66 26.33
C ILE D 107 44.84 4.09 25.82
N SER D 108 45.86 4.93 25.97
CA SER D 108 45.81 6.30 25.48
C SER D 108 45.56 6.39 23.95
N TYR D 109 46.23 5.53 23.16
CA TYR D 109 46.05 5.49 21.71
C TYR D 109 44.62 5.05 21.36
N VAL D 110 44.19 3.93 21.96
CA VAL D 110 42.82 3.41 21.86
C VAL D 110 41.81 4.52 22.16
N CYS D 111 41.96 5.23 23.27
CA CYS D 111 41.02 6.33 23.64
C CYS D 111 40.91 7.48 22.63
N ARG D 112 42.04 7.86 22.06
CA ARG D 112 42.08 8.89 21.02
C ARG D 112 41.37 8.43 19.74
N GLU D 113 41.62 7.19 19.31
CA GLU D 113 40.99 6.63 18.12
C GLU D 113 39.48 6.46 18.28
N VAL D 114 39.07 5.99 19.45
CA VAL D 114 37.64 5.90 19.80
C VAL D 114 37.00 7.28 19.89
N LEU D 115 37.67 8.23 20.57
CA LEU D 115 37.21 9.64 20.57
C LEU D 115 37.06 10.24 19.17
N GLN D 116 37.96 9.89 18.25
CA GLN D 116 37.90 10.34 16.84
C GLN D 116 36.64 9.80 16.13
N GLY D 117 36.38 8.51 16.28
CA GLY D 117 35.11 7.87 15.83
C GLY D 117 33.84 8.46 16.45
N LEU D 118 33.86 8.66 17.78
CA LEU D 118 32.72 9.30 18.49
C LEU D 118 32.50 10.75 18.07
N ALA D 119 33.58 11.52 17.90
CA ALA D 119 33.51 12.89 17.35
C ALA D 119 32.76 12.94 16.02
N TYR D 120 33.14 12.02 15.13
CA TYR D 120 32.52 11.86 13.84
C TYR D 120 31.03 11.49 13.95
N LEU D 121 30.75 10.39 14.64
CA LEU D 121 29.37 9.95 14.94
C LEU D 121 28.50 11.03 15.59
N HIS D 122 29.06 11.80 16.53
CA HIS D 122 28.31 12.89 17.19
C HIS D 122 27.98 14.08 16.27
N SER D 123 28.92 14.51 15.44
CA SER D 123 28.67 15.52 14.36
C SER D 123 27.54 15.14 13.37
N GLN D 124 27.33 13.84 13.17
CA GLN D 124 26.18 13.28 12.43
C GLN D 124 24.86 13.16 13.24
N LYS D 125 24.87 13.58 14.51
CA LYS D 125 23.78 13.38 15.48
C LYS D 125 23.42 11.91 15.75
N LYS D 126 24.44 11.04 15.75
CA LYS D 126 24.32 9.61 16.04
C LYS D 126 25.00 9.35 17.37
N ILE D 127 24.45 8.40 18.11
CA ILE D 127 24.99 7.98 19.41
C ILE D 127 25.31 6.48 19.26
N HIS D 128 26.49 6.09 19.73
CA HIS D 128 26.91 4.69 19.67
C HIS D 128 26.10 3.78 20.61
N ARG D 129 26.05 4.18 21.90
CA ARG D 129 25.23 3.53 22.95
C ARG D 129 25.82 2.31 23.68
N ASP D 130 26.69 1.54 23.02
CA ASP D 130 27.35 0.37 23.61
C ASP D 130 28.89 0.38 23.47
N ILE D 131 29.50 1.50 23.88
CA ILE D 131 30.96 1.63 23.91
C ILE D 131 31.54 0.72 25.04
N LYS D 132 32.21 -0.35 24.61
CA LYS D 132 32.96 -1.23 25.50
C LYS D 132 34.05 -1.94 24.70
N GLY D 133 34.95 -2.57 25.43
CA GLY D 133 36.04 -3.38 24.84
C GLY D 133 35.62 -4.33 23.73
N ALA D 134 34.49 -5.02 23.95
CA ALA D 134 33.91 -5.99 23.00
C ALA D 134 33.50 -5.42 21.67
N ASN D 135 33.22 -4.11 21.62
CA ASN D 135 32.85 -3.42 20.37
C ASN D 135 33.96 -2.47 19.82
N ILE D 136 35.19 -2.58 20.33
CA ILE D 136 36.33 -1.86 19.76
C ILE D 136 37.17 -2.96 19.13
N LEU D 137 37.17 -2.97 17.82
CA LEU D 137 37.85 -3.99 17.02
C LEU D 137 39.21 -3.49 16.53
N ILE D 138 40.10 -4.44 16.28
CA ILE D 138 41.48 -4.17 15.93
C ILE D 138 41.82 -4.99 14.68
N ASN D 139 42.30 -4.30 13.65
CA ASN D 139 42.81 -4.97 12.41
C ASN D 139 44.27 -5.38 12.61
N ASP D 140 44.79 -6.14 11.66
CA ASP D 140 46.17 -6.60 11.69
C ASP D 140 47.22 -5.49 11.64
N ALA D 141 46.85 -4.33 11.11
CA ALA D 141 47.65 -3.10 11.15
C ALA D 141 47.64 -2.32 12.48
N GLY D 142 46.96 -2.84 13.51
CA GLY D 142 46.80 -2.14 14.80
C GLY D 142 45.96 -0.87 14.76
N GLU D 143 45.01 -0.80 13.84
CA GLU D 143 44.06 0.33 13.78
C GLU D 143 42.76 -0.05 14.44
N VAL D 144 42.09 0.98 14.93
CA VAL D 144 40.97 0.87 15.87
C VAL D 144 39.68 1.21 15.11
N ARG D 145 38.71 0.30 15.19
CA ARG D 145 37.40 0.40 14.52
C ARG D 145 36.28 0.12 15.55
N LEU D 146 35.37 1.08 15.78
CA LEU D 146 34.11 0.84 16.49
C LEU D 146 33.16 0.00 15.63
N ALA D 147 32.56 -1.03 16.24
CA ALA D 147 31.65 -1.97 15.59
C ALA D 147 30.21 -1.51 15.71
N ASP D 148 29.33 -2.17 14.91
CA ASP D 148 27.93 -1.72 14.68
C ASP D 148 27.13 -1.48 15.94
N PHE D 149 26.23 -0.50 15.86
CA PHE D 149 25.61 0.08 17.06
C PHE D 149 24.09 0.19 16.92
N SER D 152 21.96 -5.02 16.26
CA SER D 152 21.80 -5.83 17.47
C SER D 152 20.46 -5.54 18.17
N ALA D 153 20.36 -4.33 18.72
CA ALA D 153 19.39 -3.92 19.71
C ALA D 153 17.93 -4.10 19.29
N GLN D 154 17.63 -3.67 18.07
CA GLN D 154 16.24 -3.38 17.64
C GLN D 154 15.48 -4.57 17.00
N ILE D 155 15.86 -5.81 17.30
CA ILE D 155 15.32 -6.99 16.56
C ILE D 155 15.40 -8.30 17.35
N GLY D 156 14.42 -9.18 17.15
CA GLY D 156 14.36 -10.48 17.85
C GLY D 156 13.08 -11.27 17.63
N ARG D 162 15.15 -10.09 22.34
CA ARG D 162 15.28 -8.59 22.40
C ARG D 162 13.97 -7.73 22.34
N LEU D 163 12.81 -8.38 22.19
CA LEU D 163 11.53 -7.72 22.22
C LEU D 163 11.08 -7.33 23.64
N ALA D 164 11.67 -7.91 24.69
CA ALA D 164 11.20 -7.76 26.05
C ALA D 164 11.37 -6.33 26.60
N PHE D 165 10.38 -5.52 26.24
CA PHE D 165 10.26 -4.07 26.59
C PHE D 165 9.74 -3.66 28.00
N ILE D 166 9.77 -2.35 28.29
CA ILE D 166 9.36 -1.68 29.54
C ILE D 166 7.85 -1.87 29.88
N GLY D 167 7.03 -1.88 28.84
CA GLY D 167 5.59 -2.11 28.98
C GLY D 167 5.18 -3.23 28.07
N THR D 168 3.97 -3.10 27.51
CA THR D 168 3.56 -3.87 26.33
C THR D 168 3.33 -2.83 25.22
N PRO D 169 3.99 -2.98 24.04
CA PRO D 169 4.14 -1.88 23.03
C PRO D 169 2.85 -1.19 22.56
N TYR D 170 1.84 -2.00 22.26
CA TYR D 170 0.54 -1.50 21.75
C TYR D 170 -0.21 -0.56 22.75
N TRP D 171 0.00 -0.81 24.05
CA TRP D 171 -0.59 -0.03 25.13
C TRP D 171 0.29 1.12 25.63
N MET D 172 1.50 1.32 25.06
CA MET D 172 2.39 2.37 25.53
C MET D 172 2.00 3.71 24.93
N ALA D 173 2.12 4.75 25.74
CA ALA D 173 1.96 6.12 25.29
C ALA D 173 3.15 6.59 24.42
N PRO D 174 2.98 7.75 23.70
CA PRO D 174 4.07 8.20 22.80
C PRO D 174 5.39 8.50 23.50
N GLU D 175 5.32 9.26 24.58
CA GLU D 175 6.50 9.57 25.43
C GLU D 175 7.27 8.32 25.92
N VAL D 176 6.55 7.23 26.19
CA VAL D 176 7.17 5.98 26.63
C VAL D 176 7.87 5.37 25.41
N ALA D 177 7.11 5.23 24.31
CA ALA D 177 7.63 4.77 23.02
C ALA D 177 8.94 5.46 22.61
N ALA D 178 8.98 6.79 22.75
CA ALA D 178 10.14 7.63 22.46
C ALA D 178 11.40 7.19 23.25
N VAL D 179 11.19 7.02 24.55
CA VAL D 179 12.21 6.48 25.44
C VAL D 179 12.54 5.01 25.07
N ALA D 180 11.54 4.21 24.79
CA ALA D 180 11.75 2.79 24.49
C ALA D 180 12.65 2.53 23.27
N LEU D 181 12.55 3.40 22.26
CA LEU D 181 13.32 3.32 21.02
C LEU D 181 14.71 3.92 21.15
N LYS D 182 14.79 5.12 21.75
CA LYS D 182 16.01 5.94 21.80
C LYS D 182 16.62 6.23 23.20
N GLY D 183 15.81 6.22 24.25
CA GLY D 183 16.26 6.47 25.63
C GLY D 183 16.26 7.92 26.09
N CYS D 184 15.95 8.87 25.18
CA CYS D 184 15.92 10.31 25.51
C CYS D 184 17.23 11.00 25.88
N TYR D 185 18.32 10.22 25.91
CA TYR D 185 19.58 10.60 26.53
C TYR D 185 20.54 10.94 25.38
N ASN D 186 21.65 11.58 25.75
CA ASN D 186 22.47 12.34 24.82
C ASN D 186 23.74 11.62 24.35
N GLU D 187 24.42 12.24 23.38
CA GLU D 187 25.72 11.76 22.87
C GLU D 187 26.83 11.59 23.93
N LEU D 188 26.78 12.44 24.96
CA LEU D 188 27.72 12.40 26.07
C LEU D 188 27.67 11.11 26.92
N CYS D 189 26.64 10.26 26.77
CA CYS D 189 26.66 8.89 27.31
C CYS D 189 27.82 8.02 26.81
N ASP D 190 28.21 8.20 25.55
CA ASP D 190 29.37 7.48 24.96
C ASP D 190 30.70 7.87 25.62
N ILE D 191 30.81 9.15 26.01
CA ILE D 191 32.00 9.70 26.68
C ILE D 191 32.18 8.99 28.02
N TRP D 192 31.09 8.89 28.80
CA TRP D 192 31.07 8.11 30.06
C TRP D 192 31.48 6.66 29.81
N SER D 193 30.87 5.99 28.83
CA SER D 193 31.16 4.59 28.50
C SER D 193 32.63 4.35 28.11
N LEU D 194 33.26 5.32 27.45
CA LEU D 194 34.69 5.28 27.14
C LEU D 194 35.56 5.27 28.38
N GLY D 195 35.25 6.18 29.32
CA GLY D 195 35.89 6.18 30.66
C GLY D 195 35.84 4.86 31.41
N ILE D 196 34.72 4.15 31.32
CA ILE D 196 34.58 2.79 31.87
C ILE D 196 35.44 1.82 31.07
N THR D 197 35.38 1.90 29.73
CA THR D 197 36.25 1.11 28.82
C THR D 197 37.77 1.27 29.13
N ALA D 198 38.21 2.48 29.46
CA ALA D 198 39.59 2.72 29.78
C ALA D 198 39.99 2.00 31.08
N ILE D 199 39.08 1.93 32.05
CA ILE D 199 39.30 1.16 33.30
C ILE D 199 39.33 -0.35 33.01
N GLU D 200 38.39 -0.79 32.17
CA GLU D 200 38.25 -2.17 31.71
C GLU D 200 39.53 -2.70 31.10
N LEU D 201 40.11 -1.91 30.20
CA LEU D 201 41.35 -2.26 29.50
C LEU D 201 42.53 -2.24 30.47
N ALA D 202 42.49 -1.29 31.43
CA ALA D 202 43.46 -1.24 32.50
C ALA D 202 43.40 -2.38 33.50
N GLU D 203 42.22 -2.96 33.75
CA GLU D 203 41.98 -3.93 34.86
C GLU D 203 41.32 -5.27 34.49
N LEU D 204 41.02 -5.50 33.20
CA LEU D 204 40.32 -6.71 32.66
C LEU D 204 38.82 -6.89 32.97
N GLN D 205 38.22 -5.88 33.59
CA GLN D 205 36.82 -5.89 34.04
C GLN D 205 36.44 -4.44 34.20
N PRO D 206 35.16 -4.10 33.91
CA PRO D 206 34.74 -2.73 34.29
C PRO D 206 34.50 -2.66 35.79
N PRO D 207 34.38 -1.44 36.35
CA PRO D 207 33.98 -1.32 37.74
C PRO D 207 32.70 -2.10 38.03
N LEU D 208 32.68 -2.74 39.19
CA LEU D 208 31.49 -3.39 39.73
C LEU D 208 31.00 -4.64 38.95
N PHE D 209 31.89 -5.29 38.18
N PHE D 209 31.91 -5.28 38.19
CA PHE D 209 31.57 -6.56 37.44
CA PHE D 209 31.68 -6.55 37.47
C PHE D 209 31.15 -7.71 38.35
C PHE D 209 31.12 -7.67 38.38
N ASP D 210 31.57 -7.69 39.63
CA ASP D 210 31.12 -8.65 40.65
C ASP D 210 29.80 -8.28 41.36
N VAL D 211 29.31 -7.04 41.14
CA VAL D 211 28.03 -6.54 41.62
C VAL D 211 26.89 -6.83 40.61
N HIS D 212 25.68 -7.11 41.10
CA HIS D 212 24.52 -7.44 40.22
C HIS D 212 24.09 -6.22 39.37
N PRO D 213 23.87 -6.39 38.02
CA PRO D 213 23.66 -5.22 37.13
C PRO D 213 22.61 -4.21 37.58
N LEU D 214 21.47 -4.70 38.03
CA LEU D 214 20.39 -3.86 38.54
C LEU D 214 20.76 -3.00 39.75
N ARG D 215 21.57 -3.57 40.65
CA ARG D 215 22.08 -2.83 41.79
C ARG D 215 23.06 -1.75 41.35
N VAL D 216 23.90 -2.08 40.39
CA VAL D 216 24.83 -1.10 39.80
C VAL D 216 24.00 0.10 39.27
N LEU D 217 22.93 -0.17 38.49
CA LEU D 217 22.13 0.91 37.92
C LEU D 217 21.42 1.71 38.99
N PHE D 218 20.79 1.03 39.93
CA PHE D 218 20.12 1.66 41.08
C PHE D 218 21.01 2.68 41.80
N LEU D 219 22.22 2.24 42.15
CA LEU D 219 23.18 3.05 42.90
C LEU D 219 23.61 4.35 42.22
N MET D 220 23.74 4.30 40.88
CA MET D 220 24.01 5.48 40.03
C MET D 220 22.99 6.61 40.15
N THR D 221 21.74 6.27 40.51
CA THR D 221 20.67 7.26 40.71
C THR D 221 20.61 7.87 42.10
N LYS D 222 21.34 7.29 43.07
CA LYS D 222 21.25 7.72 44.48
C LYS D 222 22.14 8.92 44.74
N SER D 223 21.70 9.77 45.68
CA SER D 223 22.44 10.95 46.11
C SER D 223 23.64 10.50 46.95
N GLY D 224 24.78 11.16 46.73
CA GLY D 224 26.09 10.71 47.23
C GLY D 224 26.77 9.65 46.38
N TYR D 225 26.28 9.42 45.15
CA TYR D 225 26.93 8.49 44.22
C TYR D 225 28.29 9.04 43.80
N GLN D 226 29.26 8.16 43.73
CA GLN D 226 30.63 8.47 43.46
C GLN D 226 30.98 7.72 42.18
N PRO D 227 31.44 8.45 41.13
CA PRO D 227 31.86 7.72 39.94
C PRO D 227 33.07 6.83 40.23
N PRO D 228 33.22 5.70 39.49
CA PRO D 228 34.38 4.84 39.73
C PRO D 228 35.71 5.49 39.34
N ARG D 229 36.77 4.85 39.79
CA ARG D 229 38.14 5.29 39.59
C ARG D 229 39.01 4.06 39.27
N LEU D 230 40.24 4.34 38.83
CA LEU D 230 41.27 3.31 38.74
C LEU D 230 41.60 2.79 40.16
N LYS D 231 41.78 1.47 40.26
CA LYS D 231 42.00 0.81 41.55
C LYS D 231 43.39 1.09 42.15
N GLU D 232 44.44 1.05 41.34
CA GLU D 232 45.84 1.27 41.78
C GLU D 232 46.22 2.72 41.47
N LYS D 233 46.53 3.51 42.48
CA LYS D 233 46.86 4.95 42.28
C LYS D 233 48.22 5.13 41.59
N GLY D 234 49.25 4.47 42.14
CA GLY D 234 50.64 4.61 41.66
C GLY D 234 50.97 3.99 40.32
N LYS D 235 50.20 3.00 39.87
CA LYS D 235 50.37 2.37 38.55
C LYS D 235 50.19 3.33 37.34
N TRP D 236 49.35 4.36 37.47
CA TRP D 236 48.99 5.25 36.34
C TRP D 236 49.37 6.71 36.59
N SER D 237 49.58 7.46 35.52
CA SER D 237 49.87 8.90 35.57
C SER D 237 48.67 9.68 36.06
N ALA D 238 48.95 10.85 36.65
CA ALA D 238 47.94 11.85 37.05
C ALA D 238 47.06 12.30 35.85
N ALA D 239 47.66 12.32 34.65
CA ALA D 239 46.95 12.59 33.41
C ALA D 239 45.86 11.54 33.11
N PHE D 240 46.20 10.26 33.30
CA PHE D 240 45.23 9.15 33.09
C PHE D 240 44.16 9.19 34.18
N HIS D 241 44.53 9.38 35.44
CA HIS D 241 43.53 9.62 36.53
C HIS D 241 42.60 10.79 36.24
N ASN D 242 43.13 11.85 35.61
CA ASN D 242 42.31 12.99 35.17
C ASN D 242 41.34 12.63 34.03
N PHE D 243 41.86 11.96 33.00
CA PHE D 243 41.03 11.41 31.89
C PHE D 243 39.81 10.65 32.40
N ILE D 244 40.03 9.78 33.39
CA ILE D 244 38.94 9.03 34.04
C ILE D 244 38.02 9.93 34.88
N LYS D 245 38.59 10.83 35.68
CA LYS D 245 37.77 11.81 36.45
C LYS D 245 36.78 12.57 35.58
N VAL D 246 37.27 13.03 34.43
CA VAL D 246 36.58 14.01 33.61
C VAL D 246 35.55 13.28 32.71
N THR D 247 35.93 12.15 32.10
CA THR D 247 34.96 11.36 31.30
C THR D 247 33.82 10.81 32.15
N LEU D 248 34.14 10.39 33.38
CA LEU D 248 33.15 9.89 34.32
C LEU D 248 32.59 11.00 35.23
N THR D 249 32.28 12.16 34.64
CA THR D 249 31.47 13.21 35.30
C THR D 249 30.03 12.70 35.39
N LYS D 250 29.43 12.87 36.57
CA LYS D 250 28.07 12.39 36.89
C LYS D 250 27.04 13.10 36.01
N SER D 251 27.09 14.43 35.97
CA SER D 251 26.17 15.24 35.18
C SER D 251 26.51 15.17 33.68
N PRO D 252 25.50 14.88 32.82
CA PRO D 252 25.72 15.13 31.37
C PRO D 252 26.03 16.59 31.00
N LYS D 253 25.41 17.54 31.70
CA LYS D 253 25.66 18.99 31.48
C LYS D 253 27.14 19.41 31.65
N LYS D 254 27.86 18.77 32.58
CA LYS D 254 29.27 19.05 32.86
C LYS D 254 30.29 18.10 32.22
N ARG D 255 29.85 16.96 31.70
CA ARG D 255 30.73 15.99 31.02
C ARG D 255 31.17 16.53 29.65
N PRO D 256 32.48 16.53 29.37
CA PRO D 256 32.91 17.12 28.12
C PRO D 256 32.64 16.25 26.88
N SER D 257 32.66 16.91 25.74
CA SER D 257 32.37 16.30 24.45
C SER D 257 33.57 15.52 23.93
N ALA D 258 33.34 14.76 22.86
CA ALA D 258 34.38 13.97 22.21
C ALA D 258 35.50 14.83 21.66
N THR D 259 35.15 15.91 20.95
CA THR D 259 36.17 16.86 20.43
C THR D 259 36.92 17.61 21.54
N LYS D 260 36.21 18.03 22.58
CA LYS D 260 36.87 18.56 23.81
C LYS D 260 37.84 17.54 24.47
N MET D 261 37.46 16.26 24.48
CA MET D 261 38.33 15.20 24.97
C MET D 261 39.57 14.96 24.12
N LEU D 262 39.48 15.19 22.81
CA LEU D 262 40.68 15.13 21.95
C LEU D 262 41.79 16.17 22.27
N SER D 263 41.42 17.26 22.98
CA SER D 263 42.40 18.20 23.58
C SER D 263 43.07 17.78 24.90
N HIS D 264 42.65 16.66 25.46
CA HIS D 264 43.14 16.23 26.78
C HIS D 264 44.56 15.66 26.62
N GLN D 265 45.42 15.94 27.60
CA GLN D 265 46.85 15.57 27.56
C GLN D 265 47.07 14.11 27.21
N LEU D 266 46.34 13.23 27.89
CA LEU D 266 46.39 11.78 27.65
C LEU D 266 46.31 11.35 26.18
N VAL D 267 45.37 11.92 25.43
CA VAL D 267 45.16 11.59 24.01
C VAL D 267 45.86 12.51 22.99
N SER D 268 46.22 13.73 23.39
CA SER D 268 46.92 14.69 22.51
C SER D 268 48.45 14.59 22.56
N GLN D 269 49.00 13.80 23.50
CA GLN D 269 50.45 13.61 23.64
C GLN D 269 51.07 12.94 22.41
N PRO D 270 52.36 13.26 22.12
CA PRO D 270 52.98 12.71 20.93
C PRO D 270 53.40 11.26 21.14
N GLY D 271 53.62 10.57 20.02
CA GLY D 271 54.03 9.18 20.02
C GLY D 271 52.93 8.15 20.16
N LEU D 272 51.66 8.56 20.09
CA LEU D 272 50.53 7.64 20.02
C LEU D 272 50.27 7.26 18.57
N ASN D 273 50.45 5.98 18.28
CA ASN D 273 50.24 5.41 16.96
C ASN D 273 50.03 3.90 17.05
N ARG D 274 49.68 3.30 15.93
CA ARG D 274 49.34 1.87 15.84
C ARG D 274 50.46 0.91 16.23
N GLY D 275 51.72 1.34 16.19
CA GLY D 275 52.84 0.55 16.72
C GLY D 275 52.60 0.00 18.13
N LEU D 276 52.06 0.84 19.01
CA LEU D 276 51.64 0.43 20.39
C LEU D 276 50.74 -0.81 20.40
N ILE D 277 49.79 -0.87 19.45
CA ILE D 277 48.93 -2.07 19.27
C ILE D 277 49.63 -3.23 18.52
N LEU D 278 50.54 -2.92 17.60
CA LEU D 278 51.40 -3.95 16.99
C LEU D 278 52.23 -4.71 18.02
N ASP D 279 52.65 -4.03 19.08
CA ASP D 279 53.26 -4.68 20.26
C ASP D 279 52.29 -5.60 20.94
N LEU D 280 51.08 -5.08 21.17
CA LEU D 280 49.99 -5.86 21.74
C LEU D 280 49.68 -7.15 20.99
N LEU D 281 49.56 -7.05 19.67
CA LEU D 281 49.27 -8.23 18.83
C LEU D 281 50.42 -9.20 18.71
N ASP D 282 51.67 -8.70 18.78
CA ASP D 282 52.83 -9.55 18.97
C ASP D 282 52.79 -10.34 20.29
N LYS D 283 52.40 -9.68 21.37
CA LYS D 283 52.22 -10.32 22.68
C LYS D 283 51.14 -11.41 22.67
N LEU D 284 50.02 -11.15 21.96
CA LEU D 284 48.97 -12.15 21.70
C LEU D 284 49.51 -13.43 21.11
N LYS D 285 50.26 -13.31 20.02
CA LYS D 285 50.86 -14.47 19.33
C LYS D 285 51.93 -15.21 20.15
N ASN D 286 52.59 -14.49 21.07
CA ASN D 286 53.71 -14.99 21.90
C ASN D 286 53.48 -14.71 23.41
N PRO D 287 52.41 -15.31 24.01
CA PRO D 287 51.92 -14.90 25.34
C PRO D 287 52.70 -15.45 26.55
C1 XHM E . -12.94 8.02 -6.31
C2 XHM E . -13.80 6.95 -5.93
C3 XHM E . -13.92 6.61 -4.59
C4 XHM E . -13.19 7.31 -3.61
C5 XHM E . -12.32 8.38 -3.96
C6 XHM E . -12.22 8.72 -5.33
C11 XHM E . -10.79 10.58 -1.34
C12 XHM E . -9.83 11.57 -1.10
C15 XHM E . -9.77 10.10 -3.46
C17 XHM E . -7.02 13.37 -2.89
C18 XHM E . -6.22 14.63 -2.53
C21 XHM E . -7.04 12.70 -0.51
C23 XHM E . -14.55 6.19 -6.89
C27 XHM E . -11.61 8.38 -9.89
C30 XHM E . -13.84 9.15 -8.38
C32 XHM E . -10.56 7.21 -7.93
N7 XHM E . -11.75 8.83 -2.76
N8 XHM E . -12.27 8.05 -1.72
C9 XHM E . -13.10 7.16 -2.17
C10 XHM E . -10.80 9.84 -2.53
C13 XHM E . -8.80 11.85 -2.04
C14 XHM E . -8.81 11.08 -3.22
N16 XHM E . -7.85 12.88 -1.75
N19 XHM E . -5.42 14.39 -1.31
C20 XHM E . -6.27 13.99 -0.18
C22 XHM E . -4.52 15.54 -1.02
N24 XHM E . -15.15 5.60 -7.66
C25 XHM E . -12.81 8.40 -7.77
C26 XHM E . -11.69 8.01 -8.54
C28 XHM E . -12.64 9.13 -10.48
C29 XHM E . -13.74 9.51 -9.73
F31 XHM E . -14.92 9.52 -7.67
C1 XHM F . -16.88 13.16 -46.74
C2 XHM F . -15.95 12.31 -47.40
C3 XHM F . -15.84 12.34 -48.79
C4 XHM F . -16.64 13.22 -49.55
C5 XHM F . -17.58 14.09 -48.92
C6 XHM F . -17.66 14.06 -47.51
C11 XHM F . -19.23 16.87 -50.74
C12 XHM F . -20.26 17.82 -50.68
C15 XHM F . -20.26 15.65 -48.94
C17 XHM F . -22.85 19.08 -48.39
C18 XHM F . -23.66 20.38 -48.52
C21 XHM F . -23.35 18.50 -50.73
C23 XHM F . -15.13 11.41 -46.66
C27 XHM F . -18.11 12.64 -43.16
C30 XHM F . -16.02 13.88 -44.54
C32 XHM F . -19.17 11.80 -45.27
N7 XHM F . -18.20 14.80 -49.94
N8 XHM F . -17.66 14.37 -51.16
C9 XHM F . -16.76 13.46 -50.97
C10 XHM F . -19.21 15.78 -49.86
C13 XHM F . -21.29 17.71 -49.73
C14 XHM F . -21.28 16.61 -48.86
N16 XHM F . -22.30 18.70 -49.71
N19 XHM F . -24.72 20.19 -49.53
C20 XHM F . -24.21 19.78 -50.86
C22 XHM F . -25.65 21.34 -49.58
N24 XHM F . -14.48 10.68 -46.09
C25 XHM F . -17.02 13.19 -45.26
C26 XHM F . -18.08 12.56 -44.56
C28 XHM F . -17.13 13.34 -42.47
C29 XHM F . -16.08 13.95 -43.15
F31 XHM F . -15.00 14.49 -45.21
C1 XHM G . -1.66 -12.96 38.01
C2 XHM G . -1.48 -12.17 39.19
C3 XHM G . -2.43 -12.22 40.20
C4 XHM G . -3.58 -13.02 40.06
C5 XHM G . -3.79 -13.82 38.89
C6 XHM G . -2.80 -13.77 37.88
C11 XHM G . -6.55 -16.35 38.79
C12 XHM G . -7.26 -17.21 37.96
C15 XHM G . -5.64 -15.26 36.85
C17 XHM G . -7.56 -18.26 34.37
C18 XHM G . -8.25 -19.50 33.77
C21 XHM G . -9.41 -17.99 35.94
C23 XHM G . -0.35 -11.34 39.36
C27 XHM G . 0.12 -12.17 34.74
C30 XHM G . 0.54 -13.64 37.07
C32 XHM G . -2.14 -11.37 35.53
N7 XHM G . -5.00 -14.48 39.10
N8 XHM G . -5.51 -14.08 40.34
C9 XHM G . -4.71 -13.25 40.93
C10 XHM G . -5.70 -15.37 38.25
C13 XHM G . -7.19 -17.13 36.56
C14 XHM G . -6.35 -16.14 36.01
N16 XHM G . -7.94 -18.06 35.79
N19 XHM G . -9.71 -19.47 34.00
C20 XHM G . -10.04 -19.29 35.44
C22 XHM G . -10.41 -20.61 33.37
N24 XHM G . 0.56 -10.66 39.52
C25 XHM G . -0.65 -12.93 36.92
C26 XHM G . -0.87 -12.17 35.73
C28 XHM G . 1.30 -12.88 34.91
C29 XHM G . 1.52 -13.62 36.06
F31 XHM G . 0.76 -14.35 38.20
C1 XHM H . 31.65 -8.03 14.90
C2 XHM H . 31.46 -6.92 14.02
C3 XHM H . 32.46 -6.58 13.11
C4 XHM H . 33.65 -7.34 13.06
C5 XHM H . 33.86 -8.46 13.93
C6 XHM H . 32.84 -8.78 14.83
C11 XHM H . 36.74 -10.78 13.40
C12 XHM H . 37.48 -11.84 13.93
C15 XHM H . 35.74 -10.39 15.54
C17 XHM H . 37.56 -14.14 16.81
C18 XHM H . 38.43 -15.38 17.05
C21 XHM H . 39.55 -12.90 16.02
C23 XHM H . 30.25 -6.17 14.07
C27 XHM H . 29.68 -8.59 18.11
C30 XHM H . 29.52 -9.19 15.38
C32 XHM H . 31.86 -7.36 17.84
N7 XHM H . 35.13 -8.96 13.62
N8 XHM H . 35.67 -8.15 12.61
C9 XHM H . 34.85 -7.22 12.26
C10 XHM H . 35.85 -10.04 14.20
C13 XHM H . 37.35 -12.20 15.29
C14 XHM H . 36.46 -11.45 16.09
N16 XHM H . 38.15 -13.29 15.75
N19 XHM H . 39.79 -14.93 17.41
C20 XHM H . 40.41 -14.14 16.33
C22 XHM H . 40.64 -16.00 17.97
N24 XHM H . 29.29 -5.58 14.12
C25 XHM H . 30.61 -8.45 15.87
C26 XHM H . 30.69 -8.15 17.26
C28 XHM H . 28.60 -9.32 17.60
C29 XHM H . 28.52 -9.62 16.24
F31 XHM H . 29.44 -9.46 14.05
#